data_6LUN
#
_entry.id   6LUN
#
_cell.length_a   72.753
_cell.length_b   69.702
_cell.length_c   90.058
_cell.angle_alpha   90.00
_cell.angle_beta   107.71
_cell.angle_gamma   90.00
#
_symmetry.space_group_name_H-M   'P 1 21 1'
#
loop_
_entity.id
_entity.type
_entity.pdbx_description
1 polymer NN2101
2 polymer NN2101
3 water water
#
loop_
_entity_poly.entity_id
_entity_poly.type
_entity_poly.pdbx_seq_one_letter_code
_entity_poly.pdbx_strand_id
1 'polypeptide(L)'
;QVQLVESGGGVVQPGRSLRLSCAASGFTFSRYGMHWVRQAPGKGLEWVAVIWYDGTNKDYTDSVRGRFTISRDNSKNTLY
LQMNSLRAEDTAVYYCAREDWAEAFDMWGQGTTVTVSSASTKGPSVFPLAPSSKSTSGGTAALGCLVKDYFPEPVTVSWN
SGALTSGVHTFPAVLQSSGLYSLSSVVTVPSSSLGTQTYICNVNHKPSNTKVDKKVEP
;
A,C
2 'polypeptide(L)'
;DIVMTQSPLSLPVTPGEPASISCRSSQSLLHSNGYNYLDWYLQKPGQSPQLLIYLGSNRASGVPDRFSGSGSGTDFTLKI
SRVEAEDVGVYYCMQALQTITFGQGTRLEIKRTVAAPSVFIFPPSDEQLKSGTASVVCLLNNFYPREAKVQWKVDNALQS
GNSQESVTEQDSKDSTYSLSSTLTLSKADYEKHKVYACEVTHQGLSSPVTKSFNRGEC
;
B,D
#
# COMPACT_ATOMS: atom_id res chain seq x y z
N GLN A 1 -30.92 -19.61 7.43
CA GLN A 1 -29.78 -18.96 6.80
C GLN A 1 -29.75 -17.47 7.14
N VAL A 2 -28.62 -16.98 7.64
CA VAL A 2 -28.43 -15.55 7.85
C VAL A 2 -28.10 -14.96 6.49
N GLN A 3 -29.02 -14.15 5.95
CA GLN A 3 -28.96 -13.80 4.53
C GLN A 3 -29.80 -12.57 4.23
N LEU A 4 -29.33 -11.76 3.28
CA LEU A 4 -30.10 -10.70 2.65
C LEU A 4 -30.31 -11.05 1.18
N VAL A 5 -31.53 -10.86 0.67
CA VAL A 5 -31.90 -11.27 -0.69
C VAL A 5 -32.62 -10.13 -1.39
N GLU A 6 -31.94 -9.48 -2.34
CA GLU A 6 -32.55 -8.40 -3.08
C GLU A 6 -33.40 -8.93 -4.24
N SER A 7 -34.44 -8.17 -4.58
CA SER A 7 -35.24 -8.46 -5.76
C SER A 7 -35.84 -7.17 -6.30
N GLY A 8 -36.44 -7.26 -7.48
CA GLY A 8 -37.09 -6.12 -8.07
C GLY A 8 -36.26 -5.33 -9.07
N GLY A 9 -35.00 -5.69 -9.25
CA GLY A 9 -34.21 -5.08 -10.31
C GLY A 9 -34.79 -5.42 -11.67
N GLY A 10 -34.30 -4.71 -12.69
CA GLY A 10 -34.86 -4.86 -14.01
C GLY A 10 -34.35 -3.81 -14.97
N VAL A 11 -35.17 -3.51 -15.97
CA VAL A 11 -34.78 -2.68 -17.10
C VAL A 11 -35.95 -1.75 -17.40
N VAL A 12 -35.75 -0.43 -17.29
CA VAL A 12 -36.80 0.56 -17.54
C VAL A 12 -36.21 1.73 -18.31
N GLN A 13 -37.12 2.53 -18.92
CA GLN A 13 -36.74 3.75 -19.65
C GLN A 13 -36.41 4.86 -18.66
N PRO A 14 -35.56 5.80 -19.05
CA PRO A 14 -35.35 6.99 -18.23
C PRO A 14 -36.68 7.68 -17.92
N GLY A 15 -36.80 8.17 -16.69
CA GLY A 15 -38.02 8.78 -16.22
C GLY A 15 -39.00 7.81 -15.59
N ARG A 16 -38.83 6.50 -15.80
CA ARG A 16 -39.70 5.51 -15.21
C ARG A 16 -39.20 5.17 -13.81
N SER A 17 -39.78 4.15 -13.18
CA SER A 17 -39.49 3.83 -11.79
C SER A 17 -39.25 2.34 -11.62
N LEU A 18 -38.73 1.98 -10.45
CA LEU A 18 -38.53 0.60 -10.04
C LEU A 18 -38.62 0.56 -8.52
N ARG A 19 -39.14 -0.54 -7.97
CA ARG A 19 -39.19 -0.73 -6.53
C ARG A 19 -38.37 -1.95 -6.14
N LEU A 20 -37.27 -1.72 -5.41
CA LEU A 20 -36.41 -2.80 -4.96
C LEU A 20 -36.86 -3.26 -3.58
N SER A 21 -36.75 -4.57 -3.33
CA SER A 21 -37.02 -5.16 -2.03
C SER A 21 -35.79 -5.93 -1.56
N CYS A 22 -35.64 -6.02 -0.25
CA CYS A 22 -34.54 -6.79 0.34
C CYS A 22 -35.14 -7.62 1.48
N ALA A 23 -35.25 -8.93 1.28
CA ALA A 23 -35.79 -9.84 2.27
C ALA A 23 -34.66 -10.30 3.21
N ALA A 24 -34.80 -10.02 4.50
CA ALA A 24 -33.82 -10.46 5.49
C ALA A 24 -34.27 -11.76 6.13
N SER A 25 -33.32 -12.67 6.37
CA SER A 25 -33.64 -13.88 7.11
C SER A 25 -32.51 -14.24 8.05
N GLY A 26 -32.86 -14.99 9.09
CA GLY A 26 -31.88 -15.56 9.98
C GLY A 26 -31.44 -14.66 11.11
N PHE A 27 -32.00 -13.46 11.24
CA PHE A 27 -31.60 -12.56 12.32
C PHE A 27 -32.77 -11.64 12.65
N THR A 28 -32.63 -10.89 13.74
CA THR A 28 -33.70 -9.99 14.20
C THR A 28 -33.59 -8.68 13.44
N PHE A 29 -34.28 -8.64 12.30
CA PHE A 29 -34.21 -7.50 11.37
C PHE A 29 -34.55 -6.19 12.06
N SER A 30 -35.51 -6.21 12.98
CA SER A 30 -35.98 -4.99 13.63
C SER A 30 -34.90 -4.31 14.47
N ARG A 31 -33.76 -4.95 14.71
CA ARG A 31 -32.72 -4.36 15.53
C ARG A 31 -31.62 -3.65 14.73
N TYR A 32 -31.62 -3.73 13.40
CA TYR A 32 -30.49 -3.27 12.61
C TYR A 32 -30.86 -2.11 11.70
N GLY A 33 -29.98 -1.10 11.64
CA GLY A 33 -30.02 -0.17 10.53
C GLY A 33 -29.62 -0.87 9.24
N MET A 34 -30.14 -0.37 8.13
CA MET A 34 -29.97 -1.02 6.83
C MET A 34 -29.63 0.03 5.79
N HIS A 35 -28.84 -0.39 4.80
CA HIS A 35 -28.34 0.53 3.78
C HIS A 35 -28.57 -0.06 2.40
N TRP A 36 -28.57 0.84 1.41
CA TRP A 36 -28.44 0.47 0.01
C TRP A 36 -27.13 1.02 -0.52
N VAL A 37 -26.42 0.18 -1.28
CA VAL A 37 -25.15 0.52 -1.92
C VAL A 37 -25.23 0.07 -3.36
N ARG A 38 -24.59 0.78 -4.28
CA ARG A 38 -24.71 0.45 -5.69
C ARG A 38 -23.34 0.45 -6.36
N GLN A 39 -23.26 -0.22 -7.50
CA GLN A 39 -22.01 -0.36 -8.25
C GLN A 39 -22.33 -0.32 -9.73
N ALA A 40 -21.97 0.79 -10.37
CA ALA A 40 -22.19 0.92 -11.79
C ALA A 40 -21.24 -0.04 -12.53
N PRO A 41 -21.60 -0.44 -13.76
CA PRO A 41 -20.77 -1.40 -14.49
C PRO A 41 -19.32 -0.94 -14.60
N GLY A 42 -18.40 -1.82 -14.19
CA GLY A 42 -16.99 -1.51 -14.21
C GLY A 42 -16.52 -0.44 -13.24
N LYS A 43 -17.38 -0.01 -12.32
CA LYS A 43 -17.05 1.07 -11.41
C LYS A 43 -17.02 0.53 -9.98
N GLY A 44 -16.77 1.43 -9.02
CA GLY A 44 -16.65 1.06 -7.63
C GLY A 44 -17.97 1.16 -6.88
N LEU A 45 -17.87 1.00 -5.57
CA LEU A 45 -19.02 1.03 -4.68
C LEU A 45 -19.41 2.47 -4.34
N GLU A 46 -20.72 2.74 -4.30
CA GLU A 46 -21.23 4.06 -3.95
C GLU A 46 -22.37 3.90 -2.96
N TRP A 47 -22.27 4.56 -1.81
CA TRP A 47 -23.35 4.49 -0.82
C TRP A 47 -24.57 5.23 -1.37
N VAL A 48 -25.77 4.68 -1.15
CA VAL A 48 -27.01 5.24 -1.71
C VAL A 48 -27.95 5.79 -0.64
N ALA A 49 -28.24 5.01 0.40
CA ALA A 49 -29.26 5.43 1.36
C ALA A 49 -29.15 4.63 2.66
N VAL A 50 -29.67 5.20 3.75
CA VAL A 50 -29.66 4.55 5.06
C VAL A 50 -31.03 4.72 5.71
N ILE A 51 -31.40 3.77 6.55
CA ILE A 51 -32.57 3.90 7.41
C ILE A 51 -32.28 3.18 8.73
N TRP A 52 -32.64 3.82 9.83
CA TRP A 52 -32.42 3.21 11.13
C TRP A 52 -33.39 2.07 11.37
N TYR A 53 -33.10 1.28 12.41
CA TYR A 53 -33.91 0.11 12.78
C TYR A 53 -35.38 0.45 12.96
N ASP A 54 -35.69 1.66 13.43
CA ASP A 54 -37.07 2.05 13.68
C ASP A 54 -37.67 2.90 12.56
N GLY A 55 -37.00 3.02 11.42
CA GLY A 55 -37.50 3.81 10.31
C GLY A 55 -37.09 5.27 10.33
N THR A 56 -36.39 5.73 11.36
CA THR A 56 -36.00 7.13 11.45
C THR A 56 -34.65 7.38 10.78
N ASN A 57 -34.25 8.66 10.77
CA ASN A 57 -32.91 9.06 10.36
C ASN A 57 -32.59 8.58 8.94
N LYS A 58 -33.55 8.67 8.04
CA LYS A 58 -33.28 8.36 6.64
C LYS A 58 -32.31 9.38 6.06
N ASP A 59 -31.43 8.91 5.18
CA ASP A 59 -30.54 9.82 4.47
C ASP A 59 -30.18 9.20 3.14
N TYR A 60 -29.74 10.04 2.19
CA TYR A 60 -29.51 9.66 0.81
C TYR A 60 -28.25 10.33 0.28
N THR A 61 -27.60 9.67 -0.68
CA THR A 61 -26.56 10.37 -1.43
C THR A 61 -27.20 11.46 -2.27
N ASP A 62 -26.45 12.54 -2.50
CA ASP A 62 -27.05 13.76 -3.05
C ASP A 62 -27.74 13.50 -4.40
N SER A 63 -27.12 12.70 -5.27
CA SER A 63 -27.64 12.55 -6.61
C SER A 63 -29.00 11.86 -6.68
N VAL A 64 -29.46 11.20 -5.60
CA VAL A 64 -30.75 10.53 -5.65
C VAL A 64 -31.80 11.24 -4.80
N ARG A 65 -31.45 12.34 -4.14
CA ARG A 65 -32.40 13.06 -3.30
C ARG A 65 -33.58 13.56 -4.13
N GLY A 66 -34.78 13.40 -3.58
CA GLY A 66 -35.98 13.79 -4.28
C GLY A 66 -36.42 12.82 -5.36
N ARG A 67 -35.70 11.71 -5.53
CA ARG A 67 -36.05 10.68 -6.50
C ARG A 67 -36.22 9.31 -5.86
N PHE A 68 -35.33 8.94 -4.93
CA PHE A 68 -35.39 7.64 -4.26
C PHE A 68 -35.98 7.80 -2.84
N THR A 69 -36.73 6.79 -2.40
CA THR A 69 -37.24 6.73 -1.02
C THR A 69 -36.91 5.38 -0.43
N ILE A 70 -36.24 5.38 0.73
CA ILE A 70 -35.95 4.15 1.45
C ILE A 70 -37.02 3.97 2.52
N SER A 71 -37.45 2.72 2.73
CA SER A 71 -38.42 2.41 3.78
C SER A 71 -38.23 0.96 4.20
N ARG A 72 -38.93 0.56 5.27
CA ARG A 72 -38.79 -0.80 5.76
C ARG A 72 -40.09 -1.25 6.40
N ASP A 73 -40.32 -2.56 6.38
CA ASP A 73 -41.46 -3.17 7.07
C ASP A 73 -40.91 -4.24 7.99
N ASN A 74 -40.77 -3.91 9.27
CA ASN A 74 -40.15 -4.85 10.20
C ASN A 74 -41.00 -6.10 10.37
N SER A 75 -42.31 -6.00 10.24
CA SER A 75 -43.15 -7.19 10.39
C SER A 75 -42.96 -8.14 9.23
N LYS A 76 -42.46 -7.65 8.10
CA LYS A 76 -42.20 -8.50 6.93
C LYS A 76 -40.71 -8.73 6.73
N ASN A 77 -39.87 -8.25 7.65
CA ASN A 77 -38.41 -8.42 7.55
C ASN A 77 -37.89 -7.96 6.20
N THR A 78 -38.42 -6.84 5.70
CA THR A 78 -38.14 -6.40 4.34
C THR A 78 -37.75 -4.92 4.32
N LEU A 79 -36.71 -4.61 3.54
CA LEU A 79 -36.27 -3.25 3.26
C LEU A 79 -36.64 -2.90 1.82
N TYR A 80 -36.98 -1.64 1.56
CA TYR A 80 -37.42 -1.24 0.23
C TYR A 80 -36.59 -0.07 -0.27
N LEU A 81 -36.50 0.05 -1.59
CA LEU A 81 -35.98 1.28 -2.22
C LEU A 81 -36.89 1.61 -3.38
N GLN A 82 -37.65 2.68 -3.24
CA GLN A 82 -38.52 3.16 -4.30
C GLN A 82 -37.70 4.14 -5.15
N MET A 83 -37.45 3.76 -6.39
CA MET A 83 -36.58 4.52 -7.29
C MET A 83 -37.45 5.16 -8.35
N ASN A 84 -37.78 6.44 -8.16
CA ASN A 84 -38.55 7.20 -9.14
C ASN A 84 -37.63 8.03 -10.03
N SER A 85 -38.18 8.46 -11.17
CA SER A 85 -37.51 9.37 -12.11
C SER A 85 -36.09 8.90 -12.41
N LEU A 86 -36.00 7.65 -12.84
CA LEU A 86 -34.69 7.05 -13.03
C LEU A 86 -33.92 7.75 -14.14
N ARG A 87 -32.60 7.82 -13.96
CA ARG A 87 -31.67 8.37 -14.94
C ARG A 87 -30.73 7.28 -15.43
N ALA A 88 -30.16 7.50 -16.61
CA ALA A 88 -29.20 6.54 -17.16
C ALA A 88 -28.08 6.23 -16.17
N GLU A 89 -27.62 7.24 -15.43
CA GLU A 89 -26.52 7.06 -14.51
C GLU A 89 -26.92 6.32 -13.24
N ASP A 90 -28.19 5.95 -13.08
CA ASP A 90 -28.63 5.06 -12.01
C ASP A 90 -28.42 3.58 -12.36
N THR A 91 -27.95 3.28 -13.57
CA THR A 91 -27.67 1.90 -13.96
C THR A 91 -26.56 1.35 -13.08
N ALA A 92 -26.79 0.18 -12.47
CA ALA A 92 -25.87 -0.37 -11.47
C ALA A 92 -26.45 -1.65 -10.91
N VAL A 93 -25.61 -2.44 -10.26
CA VAL A 93 -26.08 -3.46 -9.32
C VAL A 93 -26.35 -2.77 -7.98
N TYR A 94 -27.52 -3.02 -7.40
CA TYR A 94 -27.89 -2.48 -6.10
C TYR A 94 -27.80 -3.58 -5.04
N TYR A 95 -27.04 -3.31 -3.98
CA TYR A 95 -26.88 -4.22 -2.84
C TYR A 95 -27.58 -3.65 -1.61
N CYS A 96 -28.29 -4.49 -0.85
CA CYS A 96 -28.64 -4.08 0.50
C CYS A 96 -27.58 -4.59 1.45
N ALA A 97 -27.34 -3.83 2.52
CA ALA A 97 -26.30 -4.17 3.47
C ALA A 97 -26.75 -3.88 4.89
N ARG A 98 -26.41 -4.78 5.81
CA ARG A 98 -26.72 -4.64 7.22
C ARG A 98 -25.61 -3.85 7.92
N GLU A 99 -26.00 -2.83 8.68
CA GLU A 99 -25.05 -2.06 9.48
C GLU A 99 -24.87 -2.68 10.88
N ASP A 100 -23.63 -2.98 11.26
CA ASP A 100 -23.42 -3.59 12.57
C ASP A 100 -23.15 -2.50 13.60
N TRP A 101 -22.84 -2.92 14.85
CA TRP A 101 -22.60 -1.96 15.92
C TRP A 101 -21.39 -1.07 15.64
N ALA A 102 -20.44 -1.57 14.86
CA ALA A 102 -19.24 -0.83 14.50
C ALA A 102 -19.44 0.07 13.30
N GLU A 103 -20.68 0.19 12.82
CA GLU A 103 -21.04 1.01 11.66
C GLU A 103 -20.35 0.52 10.38
N ALA A 104 -20.03 -0.76 10.35
CA ALA A 104 -19.54 -1.44 9.16
C ALA A 104 -20.64 -2.30 8.55
N PHE A 105 -20.51 -2.57 7.26
CA PHE A 105 -21.50 -3.36 6.52
C PHE A 105 -21.09 -4.82 6.63
N ASP A 106 -21.64 -5.51 7.63
CA ASP A 106 -21.13 -6.85 7.92
C ASP A 106 -21.83 -7.96 7.13
N MET A 107 -22.89 -7.62 6.40
CA MET A 107 -23.58 -8.60 5.56
C MET A 107 -24.15 -7.87 4.35
N TRP A 108 -24.01 -8.49 3.18
CA TRP A 108 -24.46 -7.94 1.92
C TRP A 108 -25.30 -8.99 1.21
N GLY A 109 -26.30 -8.53 0.45
CA GLY A 109 -27.02 -9.42 -0.42
C GLY A 109 -26.21 -9.75 -1.67
N GLN A 110 -26.80 -10.58 -2.53
CA GLN A 110 -26.15 -10.88 -3.80
C GLN A 110 -26.33 -9.75 -4.81
N GLY A 111 -27.21 -8.81 -4.55
CA GLY A 111 -27.39 -7.69 -5.45
C GLY A 111 -28.47 -7.95 -6.48
N THR A 112 -29.08 -6.87 -6.96
CA THR A 112 -30.04 -6.94 -8.04
C THR A 112 -29.67 -5.89 -9.09
N THR A 113 -29.71 -6.29 -10.36
CA THR A 113 -29.23 -5.45 -11.46
C THR A 113 -30.32 -4.53 -11.97
N VAL A 114 -29.96 -3.26 -12.20
CA VAL A 114 -30.85 -2.23 -12.69
C VAL A 114 -30.20 -1.61 -13.93
N THR A 115 -30.93 -1.59 -15.04
CA THR A 115 -30.49 -0.92 -16.26
C THR A 115 -31.52 0.13 -16.62
N VAL A 116 -31.07 1.35 -16.86
CA VAL A 116 -31.96 2.46 -17.23
C VAL A 116 -31.52 2.91 -18.61
N SER A 117 -32.35 2.65 -19.61
CA SER A 117 -31.96 2.88 -20.99
C SER A 117 -33.19 3.12 -21.85
N SER A 118 -33.05 4.01 -22.84
CA SER A 118 -34.13 4.27 -23.78
C SER A 118 -34.35 3.12 -24.76
N ALA A 119 -33.43 2.15 -24.82
CA ALA A 119 -33.53 1.07 -25.80
C ALA A 119 -34.74 0.18 -25.51
N SER A 120 -35.15 -0.57 -26.54
CA SER A 120 -36.21 -1.57 -26.42
C SER A 120 -35.65 -2.96 -26.62
N THR A 121 -36.39 -3.95 -26.11
CA THR A 121 -35.93 -5.33 -26.08
C THR A 121 -35.60 -5.84 -27.49
N LYS A 122 -34.49 -6.55 -27.62
CA LYS A 122 -34.10 -7.09 -28.92
C LYS A 122 -33.26 -8.33 -28.73
N GLY A 123 -33.67 -9.42 -29.37
CA GLY A 123 -32.90 -10.63 -29.36
C GLY A 123 -31.68 -10.48 -30.25
N PRO A 124 -30.64 -11.27 -29.97
CA PRO A 124 -29.41 -11.19 -30.75
C PRO A 124 -29.47 -12.00 -32.04
N SER A 125 -28.61 -11.60 -32.97
CA SER A 125 -28.19 -12.48 -34.05
C SER A 125 -26.90 -13.17 -33.62
N VAL A 126 -26.79 -14.46 -33.91
CA VAL A 126 -25.62 -15.24 -33.53
C VAL A 126 -24.87 -15.63 -34.80
N PHE A 127 -23.61 -15.24 -34.88
CA PHE A 127 -22.84 -15.53 -36.08
C PHE A 127 -21.62 -16.37 -35.75
N PRO A 128 -21.20 -17.25 -36.65
CA PRO A 128 -20.03 -18.08 -36.35
C PRO A 128 -18.72 -17.31 -36.54
N LEU A 129 -17.74 -17.68 -35.73
CA LEU A 129 -16.34 -17.25 -35.87
C LEU A 129 -15.56 -18.50 -36.28
N ALA A 130 -15.42 -18.71 -37.61
CA ALA A 130 -14.93 -19.98 -38.11
C ALA A 130 -13.41 -20.04 -38.09
N PRO A 131 -12.83 -21.22 -37.85
CA PRO A 131 -11.37 -21.33 -37.83
C PRO A 131 -10.77 -20.99 -39.19
N SER A 132 -9.54 -20.47 -39.15
CA SER A 132 -8.80 -20.12 -40.36
C SER A 132 -8.45 -21.36 -41.17
N GLY A 139 -0.39 -25.18 -34.13
CA GLY A 139 -1.05 -26.43 -33.83
C GLY A 139 -2.32 -26.26 -33.00
N THR A 140 -2.70 -25.01 -32.75
CA THR A 140 -3.90 -24.68 -32.02
C THR A 140 -4.83 -23.87 -32.90
N ALA A 141 -6.12 -24.18 -32.84
CA ALA A 141 -7.14 -23.48 -33.59
C ALA A 141 -8.07 -22.76 -32.63
N ALA A 142 -8.65 -21.67 -33.10
CA ALA A 142 -9.59 -20.88 -32.35
C ALA A 142 -10.86 -20.74 -33.17
N LEU A 143 -12.00 -20.89 -32.50
CA LEU A 143 -13.29 -20.71 -33.14
C LEU A 143 -14.23 -20.10 -32.11
N GLY A 144 -15.37 -19.61 -32.56
CA GLY A 144 -16.33 -19.08 -31.60
C GLY A 144 -17.61 -18.58 -32.23
N CYS A 145 -18.33 -17.77 -31.45
CA CYS A 145 -19.61 -17.21 -31.84
C CYS A 145 -19.66 -15.73 -31.47
N LEU A 146 -20.24 -14.95 -32.36
CA LEU A 146 -20.46 -13.53 -32.17
C LEU A 146 -21.93 -13.31 -31.90
N VAL A 147 -22.26 -12.82 -30.71
CA VAL A 147 -23.63 -12.63 -30.27
C VAL A 147 -23.89 -11.12 -30.36
N LYS A 148 -24.52 -10.68 -31.45
CA LYS A 148 -24.55 -9.27 -31.78
C LYS A 148 -25.93 -8.66 -31.63
N ASP A 149 -25.97 -7.40 -31.16
CA ASP A 149 -27.14 -6.56 -31.24
C ASP A 149 -28.31 -7.09 -30.42
N TYR A 150 -28.14 -7.13 -29.11
CA TYR A 150 -29.20 -7.57 -28.21
C TYR A 150 -29.38 -6.56 -27.09
N PHE A 151 -30.56 -6.60 -26.48
CA PHE A 151 -30.86 -5.77 -25.33
C PHE A 151 -32.04 -6.40 -24.61
N PRO A 152 -31.98 -6.46 -23.27
CA PRO A 152 -30.85 -6.02 -22.44
C PRO A 152 -29.90 -7.16 -22.11
N GLU A 153 -28.92 -6.87 -21.25
CA GLU A 153 -28.15 -7.92 -20.60
C GLU A 153 -29.11 -8.75 -19.75
N PRO A 154 -28.78 -10.03 -19.51
CA PRO A 154 -27.61 -10.78 -20.01
C PRO A 154 -27.95 -11.80 -21.09
N VAL A 155 -26.93 -12.35 -21.74
CA VAL A 155 -27.03 -13.60 -22.48
C VAL A 155 -26.14 -14.61 -21.78
N THR A 156 -26.46 -15.89 -21.97
CA THR A 156 -25.59 -16.98 -21.55
C THR A 156 -25.10 -17.73 -22.78
N VAL A 157 -23.88 -18.23 -22.71
CA VAL A 157 -23.27 -18.94 -23.83
C VAL A 157 -22.63 -20.22 -23.32
N SER A 158 -22.95 -21.33 -23.95
CA SER A 158 -22.41 -22.63 -23.61
C SER A 158 -21.84 -23.27 -24.88
N TRP A 159 -21.00 -24.28 -24.69
CA TRP A 159 -20.43 -24.99 -25.82
C TRP A 159 -20.76 -26.46 -25.70
N ASN A 160 -21.25 -27.05 -26.80
CA ASN A 160 -21.65 -28.45 -26.86
C ASN A 160 -22.57 -28.81 -25.71
N SER A 161 -23.53 -27.92 -25.44
CA SER A 161 -24.51 -28.06 -24.36
C SER A 161 -23.87 -28.22 -22.98
N GLY A 162 -22.60 -27.83 -22.84
CA GLY A 162 -21.91 -27.83 -21.56
C GLY A 162 -20.79 -28.84 -21.45
N ALA A 163 -20.64 -29.75 -22.42
CA ALA A 163 -19.58 -30.74 -22.37
C ALA A 163 -18.21 -30.17 -22.76
N LEU A 164 -18.17 -28.96 -23.33
CA LEU A 164 -16.93 -28.29 -23.69
C LEU A 164 -16.79 -27.05 -22.81
N THR A 165 -15.86 -27.11 -21.87
CA THR A 165 -15.57 -25.98 -21.00
C THR A 165 -14.12 -25.55 -21.04
N SER A 166 -13.20 -26.51 -21.19
CA SER A 166 -11.77 -26.18 -21.22
C SER A 166 -11.42 -25.36 -22.45
N GLY A 167 -10.76 -24.24 -22.24
CA GLY A 167 -10.36 -23.39 -23.35
C GLY A 167 -11.40 -22.38 -23.78
N VAL A 168 -12.50 -22.26 -23.07
CA VAL A 168 -13.59 -21.34 -23.41
C VAL A 168 -13.31 -19.97 -22.78
N HIS A 169 -13.51 -18.92 -23.57
CA HIS A 169 -13.49 -17.55 -23.05
C HIS A 169 -14.73 -16.85 -23.57
N THR A 170 -15.63 -16.50 -22.66
CA THR A 170 -16.82 -15.74 -23.01
C THR A 170 -16.59 -14.33 -22.50
N PHE A 171 -16.50 -13.39 -23.42
CA PHE A 171 -16.04 -12.06 -23.11
C PHE A 171 -17.14 -11.19 -22.51
N PRO A 172 -16.78 -10.17 -21.74
CA PRO A 172 -17.78 -9.19 -21.30
C PRO A 172 -18.38 -8.48 -22.49
N ALA A 173 -19.69 -8.26 -22.43
CA ALA A 173 -20.39 -7.54 -23.47
C ALA A 173 -19.89 -6.11 -23.58
N VAL A 174 -19.95 -5.56 -24.78
CA VAL A 174 -19.73 -4.13 -25.00
C VAL A 174 -21.06 -3.49 -25.35
N LEU A 175 -21.26 -2.28 -24.89
CA LEU A 175 -22.43 -1.49 -25.27
C LEU A 175 -22.06 -0.68 -26.51
N GLN A 176 -22.77 -0.92 -27.60
CA GLN A 176 -22.53 -0.20 -28.85
C GLN A 176 -23.25 1.15 -28.85
N SER A 177 -22.86 2.01 -29.79
CA SER A 177 -23.46 3.33 -29.87
C SER A 177 -24.95 3.26 -30.18
N SER A 178 -25.40 2.16 -30.78
CA SER A 178 -26.82 1.93 -31.01
C SER A 178 -27.61 1.74 -29.73
N GLY A 179 -26.93 1.57 -28.60
CA GLY A 179 -27.61 1.18 -27.37
C GLY A 179 -27.85 -0.31 -27.24
N LEU A 180 -27.30 -1.12 -28.15
CA LEU A 180 -27.42 -2.57 -28.06
C LEU A 180 -26.07 -3.16 -27.67
N TYR A 181 -26.13 -4.35 -27.09
CA TYR A 181 -24.93 -5.04 -26.63
C TYR A 181 -24.45 -6.05 -27.67
N SER A 182 -23.20 -6.45 -27.52
CA SER A 182 -22.58 -7.47 -28.35
C SER A 182 -21.51 -8.15 -27.52
N LEU A 183 -21.36 -9.45 -27.67
CA LEU A 183 -20.25 -10.13 -27.02
C LEU A 183 -19.81 -11.28 -27.91
N SER A 184 -18.63 -11.81 -27.60
CA SER A 184 -18.09 -12.94 -28.31
C SER A 184 -17.73 -14.02 -27.32
N SER A 185 -17.87 -15.26 -27.75
CA SER A 185 -17.40 -16.40 -26.99
C SER A 185 -16.51 -17.21 -27.90
N VAL A 186 -15.35 -17.62 -27.39
CA VAL A 186 -14.34 -18.31 -28.19
C VAL A 186 -13.84 -19.52 -27.41
N VAL A 187 -13.29 -20.48 -28.15
CA VAL A 187 -12.64 -21.63 -27.54
C VAL A 187 -11.47 -22.03 -28.43
N THR A 188 -10.36 -22.39 -27.82
CA THR A 188 -9.23 -22.94 -28.55
C THR A 188 -9.23 -24.45 -28.43
N VAL A 189 -8.91 -25.13 -29.54
CA VAL A 189 -8.95 -26.58 -29.60
C VAL A 189 -7.69 -27.05 -30.33
N PRO A 190 -7.34 -28.32 -30.28
CA PRO A 190 -6.26 -28.82 -31.14
C PRO A 190 -6.64 -28.73 -32.62
N SER A 191 -5.70 -28.23 -33.42
CA SER A 191 -5.89 -28.18 -34.88
C SER A 191 -6.35 -29.52 -35.44
N ASP B 1 -18.12 15.63 3.42
CA ASP B 1 -17.61 15.16 2.14
C ASP B 1 -16.16 14.67 2.29
N ILE B 2 -16.01 13.53 2.96
CA ILE B 2 -14.68 12.98 3.18
C ILE B 2 -14.29 12.18 1.95
N VAL B 3 -13.17 12.52 1.37
CA VAL B 3 -12.69 11.87 0.15
C VAL B 3 -11.67 10.83 0.55
N MET B 4 -11.88 9.60 0.10
CA MET B 4 -11.01 8.46 0.39
C MET B 4 -10.16 8.14 -0.83
N THR B 5 -8.84 8.20 -0.67
CA THR B 5 -7.89 8.03 -1.77
C THR B 5 -7.10 6.75 -1.55
N GLN B 6 -7.34 5.75 -2.39
CA GLN B 6 -6.67 4.46 -2.29
C GLN B 6 -5.54 4.40 -3.30
N SER B 7 -4.47 3.72 -2.92
CA SER B 7 -3.38 3.48 -3.86
C SER B 7 -2.66 2.19 -3.51
N PRO B 8 -2.10 1.51 -4.51
CA PRO B 8 -2.20 1.84 -5.93
C PRO B 8 -3.55 1.43 -6.47
N LEU B 9 -3.86 1.74 -7.74
CA LEU B 9 -5.12 1.29 -8.31
C LEU B 9 -5.08 -0.20 -8.64
N SER B 10 -3.90 -0.72 -8.95
CA SER B 10 -3.73 -2.10 -9.33
C SER B 10 -2.46 -2.61 -8.68
N LEU B 11 -2.50 -3.85 -8.18
CA LEU B 11 -1.36 -4.42 -7.45
C LEU B 11 -1.19 -5.87 -7.87
N PRO B 12 -0.29 -6.15 -8.80
CA PRO B 12 0.05 -7.55 -9.10
C PRO B 12 0.95 -8.08 -8.02
N VAL B 13 0.62 -9.23 -7.46
CA VAL B 13 1.40 -9.83 -6.38
C VAL B 13 1.82 -11.22 -6.78
N THR B 14 3.12 -11.49 -6.66
CA THR B 14 3.64 -12.84 -6.78
C THR B 14 3.10 -13.70 -5.65
N PRO B 15 2.55 -14.89 -5.94
CA PRO B 15 2.00 -15.72 -4.87
C PRO B 15 3.04 -16.04 -3.80
N GLY B 16 2.62 -15.97 -2.54
CA GLY B 16 3.48 -16.19 -1.40
C GLY B 16 4.10 -14.94 -0.81
N GLU B 17 4.15 -13.86 -1.56
CA GLU B 17 4.75 -12.62 -1.11
C GLU B 17 3.71 -11.72 -0.46
N PRO B 18 4.16 -10.76 0.34
CA PRO B 18 3.23 -9.87 1.04
C PRO B 18 2.70 -8.76 0.13
N ALA B 19 1.54 -8.23 0.53
CA ALA B 19 0.92 -7.10 -0.14
C ALA B 19 0.58 -6.04 0.90
N SER B 20 0.65 -4.78 0.46
CA SER B 20 0.29 -3.66 1.30
C SER B 20 -0.45 -2.65 0.43
N ILE B 21 -1.57 -2.11 0.92
CA ILE B 21 -2.29 -1.09 0.17
C ILE B 21 -2.73 0.02 1.11
N SER B 22 -2.89 1.22 0.54
CA SER B 22 -3.07 2.44 1.29
C SER B 22 -4.47 2.99 1.06
N CYS B 23 -5.02 3.59 2.12
CA CYS B 23 -6.22 4.39 2.04
C CYS B 23 -5.98 5.64 2.86
N ARG B 24 -6.08 6.81 2.23
CA ARG B 24 -5.87 8.08 2.90
C ARG B 24 -7.13 8.93 2.82
N SER B 25 -7.56 9.46 3.95
CA SER B 25 -8.79 10.24 4.01
C SER B 25 -8.47 11.73 4.06
N SER B 26 -9.44 12.55 3.64
CA SER B 26 -9.21 13.98 3.58
C SER B 26 -9.42 14.66 4.92
N GLN B 27 -9.89 13.93 5.93
CA GLN B 27 -9.83 14.42 7.29
C GLN B 27 -9.79 13.22 8.23
N SER B 28 -9.44 13.50 9.48
CA SER B 28 -9.24 12.44 10.46
C SER B 28 -10.51 11.61 10.65
N LEU B 29 -10.34 10.29 10.65
CA LEU B 29 -11.43 9.37 10.93
C LEU B 29 -11.50 8.97 12.40
N LEU B 30 -10.66 9.60 13.24
CA LEU B 30 -10.58 9.24 14.65
C LEU B 30 -11.69 9.98 15.41
N HIS B 31 -12.65 9.22 15.90
CA HIS B 31 -13.74 9.78 16.66
C HIS B 31 -13.27 10.12 18.08
N SER B 32 -14.02 11.01 18.75
CA SER B 32 -13.69 11.34 20.13
C SER B 32 -13.75 10.10 21.03
N ASN B 33 -14.52 9.08 20.66
CA ASN B 33 -14.58 7.88 21.49
C ASN B 33 -13.34 6.99 21.33
N GLY B 34 -12.41 7.34 20.45
CA GLY B 34 -11.17 6.60 20.32
C GLY B 34 -11.11 5.61 19.18
N TYR B 35 -12.21 5.37 18.47
CA TYR B 35 -12.19 4.49 17.30
C TYR B 35 -11.95 5.27 16.02
N ASN B 36 -11.25 4.63 15.09
CA ASN B 36 -11.15 5.11 13.72
C ASN B 36 -12.26 4.46 12.90
N TYR B 37 -13.15 5.28 12.35
CA TYR B 37 -14.32 4.76 11.64
C TYR B 37 -13.98 4.47 10.17
N LEU B 38 -13.18 3.41 10.01
CA LEU B 38 -12.59 3.02 8.74
C LEU B 38 -12.73 1.51 8.60
N ASP B 39 -13.30 1.05 7.49
CA ASP B 39 -13.47 -0.38 7.23
C ASP B 39 -12.85 -0.73 5.88
N TRP B 40 -12.46 -2.00 5.76
CA TRP B 40 -11.94 -2.57 4.53
C TRP B 40 -12.85 -3.69 4.07
N TYR B 41 -13.09 -3.75 2.75
CA TYR B 41 -13.88 -4.79 2.11
C TYR B 41 -13.10 -5.41 0.96
N LEU B 42 -13.37 -6.69 0.70
CA LEU B 42 -12.87 -7.39 -0.47
C LEU B 42 -14.05 -7.81 -1.32
N GLN B 43 -14.01 -7.48 -2.61
CA GLN B 43 -14.99 -7.97 -3.57
C GLN B 43 -14.27 -8.93 -4.50
N LYS B 44 -14.47 -10.22 -4.28
CA LYS B 44 -13.86 -11.22 -5.12
C LYS B 44 -14.59 -11.24 -6.47
N PRO B 45 -13.97 -11.78 -7.51
CA PRO B 45 -14.57 -11.69 -8.85
C PRO B 45 -15.95 -12.33 -8.89
N GLY B 46 -16.91 -11.59 -9.43
CA GLY B 46 -18.27 -12.06 -9.55
C GLY B 46 -19.03 -12.19 -8.24
N GLN B 47 -18.51 -11.68 -7.14
CA GLN B 47 -19.14 -11.83 -5.83
C GLN B 47 -19.53 -10.47 -5.26
N SER B 48 -20.30 -10.52 -4.17
CA SER B 48 -20.65 -9.36 -3.37
C SER B 48 -19.46 -8.95 -2.51
N PRO B 49 -19.36 -7.67 -2.13
CA PRO B 49 -18.33 -7.27 -1.17
C PRO B 49 -18.49 -8.04 0.14
N GLN B 50 -17.37 -8.20 0.86
CA GLN B 50 -17.42 -8.81 2.18
C GLN B 50 -16.50 -8.04 3.11
N LEU B 51 -16.92 -7.89 4.36
CA LEU B 51 -16.15 -7.13 5.34
C LEU B 51 -14.88 -7.89 5.73
N LEU B 52 -13.74 -7.19 5.70
CA LEU B 52 -12.48 -7.75 6.18
C LEU B 52 -12.06 -7.17 7.52
N ILE B 53 -12.03 -5.84 7.62
CA ILE B 53 -11.48 -5.12 8.77
C ILE B 53 -12.48 -4.06 9.15
N TYR B 54 -12.75 -3.94 10.45
CA TYR B 54 -13.64 -2.89 10.93
C TYR B 54 -12.91 -2.04 11.97
N LEU B 55 -13.30 -0.77 12.01
CA LEU B 55 -12.74 0.21 12.94
C LEU B 55 -11.22 0.23 12.88
N GLY B 56 -10.70 0.23 11.66
CA GLY B 56 -9.28 0.38 11.40
C GLY B 56 -8.38 -0.85 11.51
N SER B 57 -8.53 -1.63 12.58
CA SER B 57 -7.58 -2.71 12.85
C SER B 57 -8.21 -4.02 13.29
N ASN B 58 -9.53 -4.16 13.31
CA ASN B 58 -10.17 -5.35 13.86
C ASN B 58 -10.59 -6.28 12.73
N ARG B 59 -10.13 -7.52 12.79
CA ARG B 59 -10.52 -8.53 11.81
C ARG B 59 -11.98 -8.93 12.02
N ALA B 60 -12.76 -8.89 10.93
CA ALA B 60 -14.13 -9.37 10.96
C ALA B 60 -14.16 -10.90 11.10
N SER B 61 -15.36 -11.44 11.32
CA SER B 61 -15.49 -12.87 11.56
C SER B 61 -15.13 -13.66 10.32
N GLY B 62 -14.40 -14.76 10.54
CA GLY B 62 -13.96 -15.65 9.47
C GLY B 62 -12.79 -15.16 8.65
N VAL B 63 -12.17 -14.04 9.02
CA VAL B 63 -11.09 -13.46 8.24
C VAL B 63 -9.75 -14.08 8.64
N PRO B 64 -8.95 -14.59 7.69
CA PRO B 64 -7.68 -15.23 8.05
C PRO B 64 -6.70 -14.30 8.73
N ASP B 65 -5.81 -14.93 9.52
CA ASP B 65 -4.73 -14.25 10.23
C ASP B 65 -3.90 -13.35 9.34
N ARG B 66 -3.76 -13.70 8.06
CA ARG B 66 -2.81 -12.99 7.21
C ARG B 66 -3.26 -11.60 6.81
N PHE B 67 -4.51 -11.22 7.09
CA PHE B 67 -5.02 -9.88 6.83
C PHE B 67 -4.89 -9.03 8.08
N SER B 68 -4.32 -7.85 7.95
CA SER B 68 -4.25 -6.93 9.08
C SER B 68 -4.44 -5.50 8.61
N GLY B 69 -5.11 -4.69 9.43
CA GLY B 69 -5.28 -3.27 9.14
C GLY B 69 -4.54 -2.46 10.18
N SER B 70 -3.98 -1.33 9.76
CA SER B 70 -3.30 -0.44 10.70
C SER B 70 -3.52 0.99 10.28
N GLY B 71 -3.11 1.91 11.16
CA GLY B 71 -3.18 3.33 10.90
C GLY B 71 -4.14 4.04 11.85
N SER B 72 -4.06 5.37 11.83
CA SER B 72 -4.91 6.18 12.68
C SER B 72 -4.96 7.60 12.11
N GLY B 73 -6.12 8.24 12.20
CA GLY B 73 -6.25 9.59 11.68
C GLY B 73 -6.62 9.58 10.21
N THR B 74 -5.64 9.85 9.34
CA THR B 74 -5.91 9.92 7.91
C THR B 74 -5.14 8.90 7.07
N ASP B 75 -4.21 8.15 7.65
CA ASP B 75 -3.31 7.31 6.85
C ASP B 75 -3.47 5.86 7.28
N PHE B 76 -4.11 5.03 6.45
CA PHE B 76 -4.43 3.65 6.82
C PHE B 76 -3.82 2.67 5.84
N THR B 77 -3.57 1.45 6.33
CA THR B 77 -2.90 0.44 5.53
C THR B 77 -3.55 -0.92 5.76
N LEU B 78 -3.79 -1.64 4.67
CA LEU B 78 -4.18 -3.04 4.73
C LEU B 78 -3.01 -3.88 4.25
N LYS B 79 -2.59 -4.85 5.05
CA LYS B 79 -1.44 -5.69 4.74
C LYS B 79 -1.89 -7.14 4.68
N ILE B 80 -1.44 -7.84 3.65
CA ILE B 80 -1.67 -9.28 3.51
C ILE B 80 -0.31 -9.96 3.54
N SER B 81 -0.15 -10.91 4.44
CA SER B 81 0.96 -11.85 4.39
C SER B 81 0.64 -12.97 3.41
N ARG B 82 1.61 -13.32 2.57
CA ARG B 82 1.53 -14.50 1.72
C ARG B 82 0.25 -14.50 0.88
N VAL B 83 0.24 -13.58 -0.09
CA VAL B 83 -0.88 -13.50 -1.01
C VAL B 83 -1.06 -14.82 -1.74
N GLU B 84 -2.30 -15.27 -1.82
CA GLU B 84 -2.63 -16.49 -2.54
C GLU B 84 -3.79 -16.21 -3.48
N ALA B 85 -4.09 -17.21 -4.32
CA ALA B 85 -5.06 -17.04 -5.37
C ALA B 85 -6.41 -16.58 -4.83
N GLU B 86 -6.81 -17.11 -3.67
CA GLU B 86 -8.12 -16.78 -3.12
C GLU B 86 -8.23 -15.31 -2.70
N ASP B 87 -7.12 -14.59 -2.65
CA ASP B 87 -7.12 -13.21 -2.21
C ASP B 87 -7.40 -12.21 -3.33
N VAL B 88 -7.45 -12.64 -4.59
CA VAL B 88 -7.60 -11.68 -5.68
C VAL B 88 -8.99 -11.05 -5.65
N GLY B 89 -9.07 -9.83 -6.12
CA GLY B 89 -10.34 -9.10 -6.11
C GLY B 89 -10.05 -7.62 -5.98
N VAL B 90 -11.12 -6.85 -5.77
CA VAL B 90 -10.97 -5.42 -5.54
C VAL B 90 -11.15 -5.15 -4.05
N TYR B 91 -10.19 -4.47 -3.45
CA TYR B 91 -10.23 -4.09 -2.05
C TYR B 91 -10.71 -2.66 -1.93
N TYR B 92 -11.71 -2.42 -1.09
CA TYR B 92 -12.30 -1.10 -0.94
C TYR B 92 -12.19 -0.66 0.52
N CYS B 93 -11.79 0.58 0.74
CA CYS B 93 -11.92 1.15 2.07
C CYS B 93 -13.19 2.00 2.12
N MET B 94 -13.66 2.25 3.34
CA MET B 94 -14.90 2.97 3.56
C MET B 94 -14.76 3.71 4.87
N GLN B 95 -15.27 4.94 4.91
CA GLN B 95 -15.36 5.66 6.17
C GLN B 95 -16.82 5.88 6.54
N ALA B 96 -17.08 5.84 7.85
CA ALA B 96 -18.43 6.04 8.36
C ALA B 96 -18.46 7.10 9.44
N LEU B 97 -17.39 7.90 9.56
CA LEU B 97 -17.41 9.03 10.50
C LEU B 97 -18.49 10.03 10.11
N GLN B 98 -18.57 10.34 8.82
CA GLN B 98 -19.61 11.22 8.31
C GLN B 98 -20.39 10.47 7.24
N THR B 99 -21.14 11.17 6.40
CA THR B 99 -21.82 10.57 5.26
C THR B 99 -20.89 9.59 4.55
N ILE B 100 -21.34 8.35 4.42
CA ILE B 100 -20.46 7.23 4.05
C ILE B 100 -19.88 7.45 2.67
N THR B 101 -18.57 7.25 2.55
CA THR B 101 -17.91 7.31 1.25
C THR B 101 -16.90 6.17 1.17
N PHE B 102 -16.66 5.70 -0.06
CA PHE B 102 -15.76 4.61 -0.37
C PHE B 102 -14.55 5.14 -1.12
N GLY B 103 -13.42 4.48 -0.94
CA GLY B 103 -12.32 4.64 -1.88
C GLY B 103 -12.68 4.03 -3.21
N GLN B 104 -11.85 4.31 -4.22
CA GLN B 104 -12.15 3.88 -5.58
C GLN B 104 -11.72 2.44 -5.87
N GLY B 105 -11.06 1.78 -4.91
CA GLY B 105 -10.75 0.36 -5.04
C GLY B 105 -9.29 0.12 -5.43
N THR B 106 -8.69 -0.93 -4.88
CA THR B 106 -7.39 -1.43 -5.35
C THR B 106 -7.60 -2.85 -5.85
N ARG B 107 -7.27 -3.09 -7.11
CA ARG B 107 -7.44 -4.42 -7.71
C ARG B 107 -6.15 -5.21 -7.50
N LEU B 108 -6.26 -6.30 -6.74
CA LEU B 108 -5.16 -7.23 -6.56
C LEU B 108 -5.29 -8.34 -7.59
N GLU B 109 -4.19 -8.63 -8.29
CA GLU B 109 -4.13 -9.73 -9.25
C GLU B 109 -2.86 -10.53 -9.02
N ILE B 110 -2.82 -11.73 -9.60
CA ILE B 110 -1.66 -12.61 -9.48
C ILE B 110 -0.60 -12.19 -10.48
N LYS B 111 0.63 -11.99 -10.01
CA LYS B 111 1.74 -11.69 -10.90
C LYS B 111 2.36 -12.99 -11.40
N ARG B 112 2.61 -13.06 -12.71
CA ARG B 112 3.35 -14.17 -13.33
C ARG B 112 4.35 -13.60 -14.33
N THR B 113 5.16 -14.50 -14.91
CA THR B 113 6.08 -14.08 -15.97
C THR B 113 5.31 -13.79 -17.26
N VAL B 114 5.97 -13.07 -18.17
CA VAL B 114 5.33 -12.57 -19.38
C VAL B 114 4.92 -13.73 -20.27
N ALA B 115 3.69 -13.67 -20.78
CA ALA B 115 3.21 -14.60 -21.78
C ALA B 115 2.66 -13.80 -22.95
N ALA B 116 3.19 -14.04 -24.16
CA ALA B 116 2.72 -13.32 -25.33
C ALA B 116 1.33 -13.79 -25.73
N PRO B 117 0.51 -12.92 -26.34
CA PRO B 117 -0.79 -13.38 -26.83
C PRO B 117 -0.64 -14.25 -28.06
N SER B 118 -1.56 -15.21 -28.18
CA SER B 118 -1.76 -15.94 -29.43
C SER B 118 -2.90 -15.23 -30.17
N VAL B 119 -2.64 -14.81 -31.40
CA VAL B 119 -3.50 -13.88 -32.11
C VAL B 119 -4.27 -14.63 -33.20
N PHE B 120 -5.57 -14.37 -33.29
CA PHE B 120 -6.44 -14.98 -34.30
C PHE B 120 -7.33 -13.89 -34.89
N ILE B 121 -7.57 -13.93 -36.21
CA ILE B 121 -8.46 -12.98 -36.86
C ILE B 121 -9.61 -13.75 -37.52
N PHE B 122 -10.81 -13.18 -37.48
CA PHE B 122 -12.00 -13.86 -38.01
C PHE B 122 -12.73 -12.94 -38.98
N PRO B 123 -12.93 -13.35 -40.23
CA PRO B 123 -13.69 -12.52 -41.16
C PRO B 123 -15.16 -12.50 -40.77
N PRO B 124 -15.94 -11.54 -41.29
CA PRO B 124 -17.39 -11.60 -41.08
C PRO B 124 -17.97 -12.85 -41.73
N SER B 125 -19.03 -13.37 -41.14
CA SER B 125 -19.72 -14.53 -41.70
C SER B 125 -20.58 -14.12 -42.90
N ASP B 126 -20.86 -15.09 -43.77
CA ASP B 126 -21.77 -14.85 -44.88
C ASP B 126 -23.15 -14.45 -44.38
N GLU B 127 -23.64 -15.11 -43.33
CA GLU B 127 -24.96 -14.78 -42.81
C GLU B 127 -25.03 -13.33 -42.37
N GLN B 128 -24.00 -12.83 -41.67
CA GLN B 128 -24.04 -11.42 -41.31
C GLN B 128 -23.96 -10.52 -42.52
N LEU B 129 -23.12 -10.88 -43.49
CA LEU B 129 -22.96 -10.04 -44.68
C LEU B 129 -24.30 -9.84 -45.38
N LYS B 130 -25.12 -10.89 -45.47
CA LYS B 130 -26.47 -10.75 -46.00
C LYS B 130 -27.20 -9.57 -45.36
N SER B 131 -27.01 -9.37 -44.06
CA SER B 131 -27.78 -8.41 -43.28
C SER B 131 -27.37 -6.96 -43.51
N GLY B 132 -26.20 -6.71 -44.11
CA GLY B 132 -25.76 -5.35 -44.38
C GLY B 132 -24.61 -4.84 -43.52
N THR B 133 -24.06 -5.67 -42.63
CA THR B 133 -23.01 -5.25 -41.71
C THR B 133 -21.92 -6.30 -41.69
N ALA B 134 -20.67 -5.86 -41.50
CA ALA B 134 -19.52 -6.76 -41.43
C ALA B 134 -18.79 -6.52 -40.12
N SER B 135 -18.72 -7.55 -39.30
CA SER B 135 -17.96 -7.51 -38.06
C SER B 135 -16.71 -8.38 -38.20
N VAL B 136 -15.54 -7.76 -38.07
CA VAL B 136 -14.26 -8.47 -38.10
C VAL B 136 -13.76 -8.58 -36.66
N VAL B 137 -13.35 -9.77 -36.25
CA VAL B 137 -13.02 -10.04 -34.86
C VAL B 137 -11.56 -10.46 -34.77
N CYS B 138 -10.84 -9.88 -33.81
CA CYS B 138 -9.46 -10.25 -33.50
C CYS B 138 -9.42 -10.79 -32.07
N LEU B 139 -8.86 -11.99 -31.89
CA LEU B 139 -8.71 -12.60 -30.58
C LEU B 139 -7.24 -12.59 -30.17
N LEU B 140 -6.96 -12.09 -28.97
CA LEU B 140 -5.64 -12.17 -28.35
C LEU B 140 -5.79 -13.08 -27.15
N ASN B 141 -5.21 -14.29 -27.21
CA ASN B 141 -5.53 -15.32 -26.24
C ASN B 141 -4.41 -15.54 -25.24
N ASN B 142 -4.78 -15.60 -23.95
CA ASN B 142 -3.95 -16.10 -22.85
C ASN B 142 -2.58 -15.42 -22.78
N PHE B 143 -2.61 -14.13 -22.47
CA PHE B 143 -1.40 -13.33 -22.39
C PHE B 143 -1.26 -12.73 -20.99
N TYR B 144 -0.05 -12.23 -20.71
CA TYR B 144 0.24 -11.54 -19.45
C TYR B 144 1.48 -10.67 -19.64
N PRO B 145 1.45 -9.40 -19.18
CA PRO B 145 0.40 -8.74 -18.40
C PRO B 145 -0.79 -8.26 -19.23
N ARG B 146 -1.74 -7.59 -18.57
CA ARG B 146 -3.02 -7.25 -19.20
C ARG B 146 -2.86 -6.20 -20.29
N GLU B 147 -1.84 -5.36 -20.21
CA GLU B 147 -1.72 -4.25 -21.14
C GLU B 147 -1.41 -4.77 -22.53
N ALA B 148 -2.31 -4.53 -23.48
CA ALA B 148 -2.10 -4.92 -24.87
C ALA B 148 -2.76 -3.88 -25.76
N LYS B 149 -2.28 -3.79 -27.00
CA LYS B 149 -2.80 -2.81 -27.95
C LYS B 149 -3.14 -3.48 -29.26
N VAL B 150 -4.37 -3.24 -29.75
CA VAL B 150 -4.83 -3.76 -31.04
C VAL B 150 -4.98 -2.56 -31.99
N GLN B 151 -4.41 -2.66 -33.19
CA GLN B 151 -4.60 -1.65 -34.23
C GLN B 151 -5.15 -2.34 -35.47
N TRP B 152 -6.33 -1.90 -35.90
CA TRP B 152 -6.94 -2.43 -37.11
C TRP B 152 -6.43 -1.69 -38.34
N LYS B 153 -6.19 -2.43 -39.42
CA LYS B 153 -5.74 -1.88 -40.68
C LYS B 153 -6.59 -2.45 -41.80
N VAL B 154 -7.02 -1.59 -42.71
CA VAL B 154 -7.84 -1.97 -43.85
C VAL B 154 -7.11 -1.49 -45.09
N ASP B 155 -6.61 -2.42 -45.90
CA ASP B 155 -5.69 -2.10 -47.00
C ASP B 155 -4.58 -1.16 -46.53
N ASN B 156 -4.00 -1.50 -45.37
CA ASN B 156 -2.93 -0.76 -44.71
C ASN B 156 -3.35 0.59 -44.15
N ALA B 157 -4.61 0.97 -44.21
CA ALA B 157 -5.06 2.24 -43.61
C ALA B 157 -5.45 2.03 -42.15
N LEU B 158 -4.83 2.81 -41.26
CA LEU B 158 -5.10 2.70 -39.83
C LEU B 158 -6.54 3.09 -39.53
N GLN B 159 -7.27 2.20 -38.86
CA GLN B 159 -8.65 2.48 -38.49
C GLN B 159 -8.69 3.21 -37.15
N SER B 160 -9.69 4.08 -37.00
CA SER B 160 -9.90 4.75 -35.74
C SER B 160 -11.39 4.95 -35.51
N GLY B 161 -11.84 4.70 -34.28
CA GLY B 161 -13.19 4.96 -33.85
C GLY B 161 -14.25 3.97 -34.26
N ASN B 162 -13.90 2.90 -35.00
CA ASN B 162 -14.88 1.93 -35.45
C ASN B 162 -14.63 0.53 -34.87
N SER B 163 -14.03 0.46 -33.69
CA SER B 163 -13.83 -0.81 -33.01
C SER B 163 -14.12 -0.65 -31.53
N GLN B 164 -14.48 -1.76 -30.90
CA GLN B 164 -14.57 -1.88 -29.45
C GLN B 164 -13.89 -3.17 -29.02
N GLU B 165 -13.49 -3.24 -27.75
CA GLU B 165 -12.82 -4.43 -27.24
C GLU B 165 -13.27 -4.67 -25.80
N SER B 166 -13.15 -5.93 -25.36
CA SER B 166 -13.31 -6.25 -23.95
C SER B 166 -12.28 -7.30 -23.57
N VAL B 167 -12.07 -7.44 -22.26
CA VAL B 167 -11.01 -8.29 -21.69
C VAL B 167 -11.62 -9.18 -20.63
N THR B 168 -11.21 -10.45 -20.61
CA THR B 168 -11.70 -11.32 -19.54
C THR B 168 -11.05 -10.94 -18.21
N GLU B 169 -11.66 -11.40 -17.13
CA GLU B 169 -10.96 -11.34 -15.86
C GLU B 169 -9.78 -12.31 -15.90
N GLN B 170 -8.81 -12.09 -15.02
CA GLN B 170 -7.66 -12.98 -14.95
C GLN B 170 -8.10 -14.41 -14.73
N ASP B 171 -7.57 -15.33 -15.53
CA ASP B 171 -7.89 -16.74 -15.39
C ASP B 171 -7.31 -17.29 -14.10
N SER B 172 -8.11 -18.02 -13.32
CA SER B 172 -7.62 -18.47 -12.03
C SER B 172 -6.57 -19.57 -12.17
N LYS B 173 -6.53 -20.30 -13.29
CA LYS B 173 -5.58 -21.40 -13.40
C LYS B 173 -4.20 -20.94 -13.88
N ASP B 174 -4.14 -20.21 -14.99
CA ASP B 174 -2.84 -19.83 -15.55
C ASP B 174 -2.51 -18.34 -15.38
N SER B 175 -3.39 -17.56 -14.75
CA SER B 175 -3.18 -16.15 -14.43
C SER B 175 -3.08 -15.26 -15.67
N THR B 176 -3.67 -15.66 -16.78
CA THR B 176 -3.59 -14.87 -18.01
C THR B 176 -4.91 -14.16 -18.30
N TYR B 177 -4.83 -13.25 -19.28
CA TYR B 177 -5.96 -12.50 -19.80
C TYR B 177 -6.17 -12.85 -21.27
N SER B 178 -7.38 -12.64 -21.75
CA SER B 178 -7.67 -12.68 -23.17
C SER B 178 -8.46 -11.44 -23.55
N LEU B 179 -8.38 -11.08 -24.82
CA LEU B 179 -8.95 -9.83 -25.30
C LEU B 179 -9.60 -10.09 -26.66
N SER B 180 -10.80 -9.54 -26.84
CA SER B 180 -11.53 -9.61 -28.09
C SER B 180 -11.74 -8.20 -28.60
N SER B 181 -11.43 -7.96 -29.86
CA SER B 181 -11.64 -6.67 -30.50
C SER B 181 -12.48 -6.88 -31.75
N THR B 182 -13.50 -6.04 -31.93
CA THR B 182 -14.42 -6.16 -33.05
C THR B 182 -14.36 -4.86 -33.86
N LEU B 183 -14.07 -4.98 -35.14
CA LEU B 183 -14.12 -3.87 -36.10
C LEU B 183 -15.44 -3.97 -36.83
N THR B 184 -16.22 -2.87 -36.86
CA THR B 184 -17.54 -2.89 -37.49
C THR B 184 -17.59 -1.92 -38.66
N LEU B 185 -17.97 -2.45 -39.82
CA LEU B 185 -18.03 -1.71 -41.08
C LEU B 185 -19.40 -1.94 -41.71
N SER B 186 -19.80 -1.01 -42.56
CA SER B 186 -20.86 -1.31 -43.52
C SER B 186 -20.41 -2.43 -44.45
N LYS B 187 -21.36 -3.25 -44.88
CA LYS B 187 -21.06 -4.19 -45.95
C LYS B 187 -20.53 -3.46 -47.18
N ALA B 188 -21.11 -2.29 -47.48
CA ALA B 188 -20.65 -1.52 -48.63
C ALA B 188 -19.18 -1.13 -48.48
N ASP B 189 -18.80 -0.60 -47.33
CA ASP B 189 -17.40 -0.25 -47.13
C ASP B 189 -16.52 -1.49 -47.05
N TYR B 190 -17.01 -2.55 -46.40
CA TYR B 190 -16.24 -3.78 -46.31
C TYR B 190 -15.85 -4.31 -47.70
N GLU B 191 -16.79 -4.25 -48.65
CA GLU B 191 -16.51 -4.79 -49.98
C GLU B 191 -15.73 -3.83 -50.87
N LYS B 192 -15.31 -2.67 -50.35
CA LYS B 192 -14.43 -1.79 -51.11
C LYS B 192 -12.95 -2.03 -50.83
N HIS B 193 -12.60 -2.94 -49.91
CA HIS B 193 -11.20 -3.11 -49.55
C HIS B 193 -10.89 -4.59 -49.46
N LYS B 194 -9.60 -4.91 -49.54
CA LYS B 194 -9.20 -6.29 -49.70
C LYS B 194 -8.53 -6.90 -48.47
N VAL B 195 -7.53 -6.23 -47.89
CA VAL B 195 -6.73 -6.82 -46.82
C VAL B 195 -7.24 -6.29 -45.48
N TYR B 196 -7.63 -7.20 -44.60
CA TYR B 196 -8.05 -6.84 -43.25
C TYR B 196 -7.04 -7.42 -42.28
N ALA B 197 -6.49 -6.57 -41.41
CA ALA B 197 -5.42 -7.00 -40.52
C ALA B 197 -5.61 -6.42 -39.13
N CYS B 198 -5.20 -7.17 -38.11
CA CYS B 198 -5.11 -6.62 -36.76
C CYS B 198 -3.68 -6.79 -36.29
N GLU B 199 -3.07 -5.68 -35.89
CA GLU B 199 -1.69 -5.64 -35.48
C GLU B 199 -1.66 -5.47 -33.97
N VAL B 200 -0.95 -6.38 -33.30
CA VAL B 200 -1.00 -6.55 -31.86
C VAL B 200 0.35 -6.18 -31.26
N THR B 201 0.34 -5.28 -30.29
CA THR B 201 1.53 -4.88 -29.55
C THR B 201 1.40 -5.38 -28.11
N HIS B 202 2.44 -6.02 -27.61
CA HIS B 202 2.42 -6.55 -26.25
C HIS B 202 3.86 -6.81 -25.82
N GLN B 203 4.08 -6.76 -24.50
CA GLN B 203 5.43 -6.90 -23.95
C GLN B 203 6.07 -8.23 -24.34
N GLY B 204 5.27 -9.27 -24.53
CA GLY B 204 5.85 -10.56 -24.87
C GLY B 204 6.27 -10.71 -26.30
N LEU B 205 6.10 -9.66 -27.13
CA LEU B 205 6.37 -9.69 -28.55
C LEU B 205 7.48 -8.68 -28.86
N SER B 206 8.56 -9.14 -29.50
CA SER B 206 9.67 -8.23 -29.75
C SER B 206 9.32 -7.15 -30.77
N SER B 207 8.35 -7.43 -31.64
CA SER B 207 7.74 -6.40 -32.48
C SER B 207 6.30 -6.81 -32.75
N PRO B 208 5.44 -5.87 -33.17
CA PRO B 208 4.02 -6.19 -33.32
C PRO B 208 3.75 -7.37 -34.25
N VAL B 209 2.74 -8.14 -33.90
CA VAL B 209 2.33 -9.31 -34.66
C VAL B 209 1.08 -8.92 -35.44
N THR B 210 1.07 -9.26 -36.74
CA THR B 210 -0.09 -9.00 -37.57
C THR B 210 -0.67 -10.31 -38.08
N LYS B 211 -1.97 -10.48 -37.88
CA LYS B 211 -2.76 -11.51 -38.53
C LYS B 211 -3.72 -10.84 -39.52
N SER B 212 -3.93 -11.46 -40.67
CA SER B 212 -4.68 -10.79 -41.71
C SER B 212 -5.38 -11.80 -42.61
N PHE B 213 -6.35 -11.31 -43.37
CA PHE B 213 -6.94 -12.14 -44.41
C PHE B 213 -7.26 -11.27 -45.61
N ASN B 214 -7.41 -11.91 -46.76
CA ASN B 214 -7.85 -11.26 -47.99
C ASN B 214 -9.34 -11.54 -48.17
N ARG B 215 -10.13 -10.47 -48.18
CA ARG B 215 -11.56 -10.62 -48.37
C ARG B 215 -11.83 -11.41 -49.64
N GLY B 216 -12.59 -12.51 -49.52
CA GLY B 216 -12.98 -13.32 -50.64
C GLY B 216 -12.08 -14.50 -50.94
N GLU B 217 -10.92 -14.63 -50.29
CA GLU B 217 -10.00 -15.72 -50.59
C GLU B 217 -10.52 -17.05 -50.07
N GLN C 3 24.24 1.65 35.18
CA GLN C 3 23.62 1.38 33.87
C GLN C 3 22.58 0.27 33.89
N LEU C 4 21.78 0.25 32.82
CA LEU C 4 20.88 -0.85 32.48
C LEU C 4 21.33 -1.44 31.15
N VAL C 5 21.31 -2.77 31.05
CA VAL C 5 21.79 -3.44 29.84
C VAL C 5 20.77 -4.50 29.42
N GLU C 6 20.11 -4.27 28.29
CA GLU C 6 19.13 -5.24 27.80
C GLU C 6 19.83 -6.34 27.01
N SER C 7 19.20 -7.52 26.99
CA SER C 7 19.69 -8.62 26.17
C SER C 7 18.53 -9.55 25.85
N GLY C 8 18.81 -10.53 24.99
CA GLY C 8 17.85 -11.52 24.59
C GLY C 8 17.12 -11.21 23.30
N GLY C 9 17.30 -10.02 22.75
CA GLY C 9 16.66 -9.72 21.47
C GLY C 9 17.17 -10.62 20.36
N GLY C 10 16.39 -10.68 19.29
CA GLY C 10 16.81 -11.47 18.15
C GLY C 10 15.66 -11.65 17.18
N VAL C 11 15.88 -12.57 16.24
CA VAL C 11 14.86 -12.91 15.26
C VAL C 11 13.95 -13.99 15.84
N VAL C 12 12.64 -13.82 15.69
CA VAL C 12 11.68 -14.80 16.14
C VAL C 12 10.57 -14.90 15.11
N GLN C 13 10.12 -16.12 14.83
CA GLN C 13 9.10 -16.33 13.82
C GLN C 13 7.75 -15.84 14.34
N PRO C 14 6.84 -15.43 13.45
CA PRO C 14 5.50 -15.03 13.89
C PRO C 14 4.85 -16.14 14.71
N GLY C 15 4.18 -15.75 15.78
CA GLY C 15 3.48 -16.68 16.64
C GLY C 15 4.33 -17.34 17.71
N ARG C 16 5.65 -17.19 17.65
CA ARG C 16 6.56 -17.84 18.59
C ARG C 16 6.87 -16.91 19.77
N SER C 17 7.78 -17.32 20.65
CA SER C 17 8.04 -16.63 21.90
C SER C 17 9.51 -16.22 22.03
N LEU C 18 9.75 -15.24 22.91
CA LEU C 18 11.08 -14.74 23.20
C LEU C 18 11.05 -14.10 24.59
N ARG C 19 12.17 -14.18 25.31
CA ARG C 19 12.28 -13.54 26.62
C ARG C 19 13.41 -12.53 26.61
N LEU C 20 13.10 -11.28 26.94
CA LEU C 20 14.10 -10.25 27.10
C LEU C 20 14.54 -10.15 28.55
N SER C 21 15.81 -9.80 28.74
CA SER C 21 16.38 -9.54 30.06
C SER C 21 16.98 -8.14 30.10
N CYS C 22 17.05 -7.58 31.31
CA CYS C 22 17.70 -6.30 31.50
C CYS C 22 18.45 -6.33 32.83
N ALA C 23 19.77 -6.23 32.76
CA ALA C 23 20.65 -6.37 33.91
C ALA C 23 21.02 -4.99 34.45
N ALA C 24 20.73 -4.75 35.73
CA ALA C 24 21.03 -3.46 36.36
C ALA C 24 22.37 -3.53 37.06
N SER C 25 23.08 -2.40 37.06
CA SER C 25 24.42 -2.30 37.62
C SER C 25 24.63 -0.96 38.33
N GLY C 26 25.28 -1.01 39.50
CA GLY C 26 25.72 0.20 40.15
C GLY C 26 24.69 0.97 40.95
N PHE C 27 23.49 0.42 41.14
CA PHE C 27 22.49 1.06 42.00
C PHE C 27 21.64 -0.02 42.66
N THR C 28 20.82 0.38 43.64
CA THR C 28 20.01 -0.56 44.40
C THR C 28 18.75 -0.86 43.60
N PHE C 29 18.84 -1.87 42.75
CA PHE C 29 17.76 -2.22 41.83
C PHE C 29 16.47 -2.56 42.56
N SER C 30 16.57 -3.16 43.74
CA SER C 30 15.40 -3.61 44.49
C SER C 30 14.56 -2.47 45.05
N ARG C 31 14.99 -1.23 44.88
CA ARG C 31 14.20 -0.10 45.36
C ARG C 31 13.40 0.59 44.27
N TYR C 32 13.56 0.22 43.00
CA TYR C 32 13.01 0.99 41.89
C TYR C 32 11.94 0.21 41.14
N GLY C 33 10.84 0.89 40.80
CA GLY C 33 9.96 0.41 39.76
C GLY C 33 10.65 0.44 38.39
N MET C 34 10.27 -0.51 37.53
CA MET C 34 10.92 -0.66 36.24
C MET C 34 9.89 -0.78 35.13
N HIS C 35 10.26 -0.32 33.94
CA HIS C 35 9.35 -0.30 32.80
C HIS C 35 10.03 -0.86 31.57
N TRP C 36 9.23 -1.39 30.65
CA TRP C 36 9.64 -1.65 29.28
C TRP C 36 8.98 -0.64 28.36
N VAL C 37 9.77 -0.11 27.44
CA VAL C 37 9.32 0.84 26.42
C VAL C 37 9.88 0.34 25.09
N ARG C 38 9.11 0.46 24.01
CA ARG C 38 9.60 -0.01 22.73
C ARG C 38 9.44 1.03 21.62
N GLN C 39 10.18 0.81 20.54
CA GLN C 39 10.21 1.75 19.42
C GLN C 39 10.31 0.95 18.14
N ALA C 40 9.21 0.88 17.40
CA ALA C 40 9.22 0.18 16.13
C ALA C 40 10.00 1.00 15.09
N PRO C 41 10.45 0.36 14.00
CA PRO C 41 11.33 1.06 13.04
C PRO C 41 10.71 2.33 12.50
N GLY C 42 11.37 3.45 12.77
CA GLY C 42 10.93 4.73 12.25
C GLY C 42 9.72 5.34 12.93
N LYS C 43 9.28 4.79 14.07
CA LYS C 43 8.14 5.33 14.78
C LYS C 43 8.60 5.87 16.14
N GLY C 44 7.63 6.32 16.93
CA GLY C 44 7.92 6.89 18.23
C GLY C 44 8.00 5.86 19.35
N LEU C 45 8.18 6.37 20.57
CA LEU C 45 8.24 5.56 21.76
C LEU C 45 6.86 5.10 22.17
N GLU C 46 6.75 3.84 22.61
CA GLU C 46 5.49 3.27 23.09
C GLU C 46 5.75 2.55 24.41
N TRP C 47 5.06 2.96 25.47
CA TRP C 47 5.19 2.26 26.74
C TRP C 47 4.59 0.86 26.63
N VAL C 48 5.25 -0.12 27.25
CA VAL C 48 4.84 -1.52 27.13
C VAL C 48 4.30 -2.08 28.46
N ALA C 49 5.07 -1.96 29.54
CA ALA C 49 4.71 -2.60 30.80
C ALA C 49 5.47 -1.97 31.95
N VAL C 50 4.96 -2.19 33.17
CA VAL C 50 5.53 -1.68 34.42
C VAL C 50 5.47 -2.77 35.47
N ILE C 51 6.44 -2.74 36.39
CA ILE C 51 6.41 -3.58 37.58
C ILE C 51 7.01 -2.78 38.74
N TRP C 52 6.38 -2.84 39.90
CA TRP C 52 6.90 -2.12 41.06
C TRP C 52 8.13 -2.83 41.62
N TYR C 53 8.85 -2.11 42.50
CA TYR C 53 10.07 -2.65 43.08
C TYR C 53 9.89 -4.04 43.69
N ASP C 54 8.70 -4.32 44.25
CA ASP C 54 8.43 -5.59 44.91
C ASP C 54 7.64 -6.57 44.04
N GLY C 55 7.51 -6.28 42.75
CA GLY C 55 6.82 -7.16 41.84
C GLY C 55 5.31 -6.97 41.78
N THR C 56 4.75 -6.08 42.58
CA THR C 56 3.32 -5.81 42.55
C THR C 56 2.98 -4.82 41.45
N ASN C 57 1.68 -4.67 41.22
CA ASN C 57 1.15 -3.63 40.35
C ASN C 57 1.69 -3.76 38.92
N LYS C 58 1.80 -4.99 38.45
CA LYS C 58 2.14 -5.21 37.05
C LYS C 58 1.03 -4.67 36.17
N ASP C 59 1.40 -4.00 35.09
CA ASP C 59 0.40 -3.52 34.16
C ASP C 59 1.02 -3.44 32.77
N TYR C 60 0.15 -3.38 31.76
CA TYR C 60 0.54 -3.61 30.38
C TYR C 60 -0.22 -2.66 29.47
N THR C 61 0.37 -2.36 28.32
CA THR C 61 -0.40 -1.71 27.27
C THR C 61 -1.38 -2.72 26.65
N ASP C 62 -2.53 -2.21 26.19
CA ASP C 62 -3.63 -3.08 25.79
C ASP C 62 -3.22 -4.12 24.75
N SER C 63 -2.45 -3.71 23.74
CA SER C 63 -2.13 -4.59 22.62
C SER C 63 -1.22 -5.75 22.99
N VAL C 64 -0.60 -5.75 24.16
CA VAL C 64 0.25 -6.86 24.60
C VAL C 64 -0.35 -7.63 25.76
N ARG C 65 -1.46 -7.18 26.33
CA ARG C 65 -2.05 -7.87 27.48
C ARG C 65 -2.44 -9.28 27.09
N GLY C 66 -2.17 -10.24 27.98
CA GLY C 66 -2.39 -11.63 27.68
C GLY C 66 -1.30 -12.31 26.90
N ARG C 67 -0.41 -11.56 26.24
CA ARG C 67 0.71 -12.14 25.52
C ARG C 67 2.05 -11.91 26.21
N PHE C 68 2.22 -10.76 26.85
CA PHE C 68 3.47 -10.40 27.50
C PHE C 68 3.33 -10.55 29.02
N THR C 69 4.42 -10.98 29.66
CA THR C 69 4.50 -11.04 31.11
C THR C 69 5.79 -10.36 31.57
N ILE C 70 5.66 -9.36 32.42
CA ILE C 70 6.82 -8.71 33.02
C ILE C 70 7.07 -9.35 34.38
N SER C 71 8.35 -9.45 34.75
CA SER C 71 8.75 -10.02 36.04
C SER C 71 10.13 -9.49 36.38
N ARG C 72 10.54 -9.70 37.62
CA ARG C 72 11.86 -9.27 38.05
C ARG C 72 12.43 -10.26 39.04
N ASP C 73 13.75 -10.26 39.16
CA ASP C 73 14.46 -11.07 40.15
C ASP C 73 15.44 -10.13 40.83
N ASN C 74 15.06 -9.64 42.02
CA ASN C 74 15.88 -8.62 42.67
C ASN C 74 17.21 -9.17 43.14
N SER C 75 17.29 -10.48 43.44
CA SER C 75 18.56 -11.06 43.84
C SER C 75 19.58 -11.09 42.70
N LYS C 76 19.12 -11.06 41.46
CA LYS C 76 20.01 -11.00 40.30
C LYS C 76 20.03 -9.63 39.65
N ASN C 77 19.32 -8.65 40.22
CA ASN C 77 19.29 -7.29 39.67
C ASN C 77 18.84 -7.30 38.21
N THR C 78 17.84 -8.11 37.91
CA THR C 78 17.42 -8.36 36.53
C THR C 78 15.91 -8.17 36.39
N LEU C 79 15.54 -7.49 35.30
CA LEU C 79 14.16 -7.33 34.85
C LEU C 79 13.93 -8.22 33.64
N TYR C 80 12.73 -8.81 33.53
CA TYR C 80 12.40 -9.71 32.43
C TYR C 80 11.16 -9.27 31.67
N LEU C 81 11.09 -9.65 30.39
CA LEU C 81 9.85 -9.52 29.64
C LEU C 81 9.67 -10.79 28.82
N GLN C 82 8.66 -11.58 29.17
CA GLN C 82 8.31 -12.78 28.41
C GLN C 82 7.32 -12.37 27.35
N MET C 83 7.65 -12.61 26.07
CA MET C 83 6.80 -12.20 24.96
C MET C 83 6.34 -13.45 24.22
N ASN C 84 5.02 -13.64 24.15
CA ASN C 84 4.44 -14.80 23.50
C ASN C 84 3.56 -14.35 22.34
N SER C 85 3.34 -15.26 21.38
CA SER C 85 2.44 -15.02 20.25
C SER C 85 2.81 -13.74 19.51
N LEU C 86 4.09 -13.60 19.19
CA LEU C 86 4.60 -12.37 18.61
C LEU C 86 4.02 -12.12 17.22
N ARG C 87 3.88 -10.85 16.88
CA ARG C 87 3.32 -10.40 15.62
C ARG C 87 4.24 -9.34 15.03
N ALA C 88 4.07 -9.07 13.73
CA ALA C 88 4.86 -8.03 13.07
C ALA C 88 4.82 -6.71 13.83
N GLU C 89 3.68 -6.38 14.46
CA GLU C 89 3.61 -5.16 15.25
C GLU C 89 4.58 -5.16 16.43
N ASP C 90 5.08 -6.31 16.86
CA ASP C 90 6.00 -6.33 18.00
C ASP C 90 7.46 -6.12 17.60
N THR C 91 7.79 -6.12 16.32
CA THR C 91 9.15 -5.81 15.88
C THR C 91 9.53 -4.40 16.32
N ALA C 92 10.58 -4.29 17.13
CA ALA C 92 10.97 -2.99 17.68
C ALA C 92 12.28 -3.14 18.42
N VAL C 93 12.87 -2.00 18.77
CA VAL C 93 13.88 -1.95 19.82
C VAL C 93 13.16 -1.86 21.16
N TYR C 94 13.55 -2.72 22.10
CA TYR C 94 12.93 -2.75 23.42
C TYR C 94 13.89 -2.15 24.43
N TYR C 95 13.44 -1.12 25.13
CA TYR C 95 14.23 -0.44 26.16
C TYR C 95 13.71 -0.82 27.54
N CYS C 96 14.62 -1.03 28.48
CA CYS C 96 14.23 -1.03 29.89
C CYS C 96 14.57 0.33 30.47
N ALA C 97 13.72 0.77 31.39
CA ALA C 97 13.77 2.14 31.88
C ALA C 97 13.45 2.15 33.37
N ARG C 98 14.23 2.91 34.13
CA ARG C 98 14.07 3.01 35.58
C ARG C 98 13.16 4.18 35.92
N GLU C 99 12.21 3.95 36.82
CA GLU C 99 11.28 4.98 37.25
C GLU C 99 11.82 5.64 38.53
N ASP C 100 11.97 6.96 38.50
CA ASP C 100 12.52 7.64 39.68
C ASP C 100 11.39 8.13 40.59
N TRP C 101 11.77 8.82 41.67
CA TRP C 101 10.79 9.29 42.65
C TRP C 101 9.77 10.21 42.03
N ALA C 102 10.12 10.91 40.96
CA ALA C 102 9.20 11.81 40.29
C ALA C 102 8.37 11.11 39.24
N GLU C 103 8.47 9.78 39.15
CA GLU C 103 7.74 8.97 38.15
C GLU C 103 8.13 9.34 36.72
N ALA C 104 9.36 9.78 36.53
CA ALA C 104 9.96 9.97 35.22
C ALA C 104 11.00 8.88 34.98
N PHE C 105 11.29 8.62 33.71
CA PHE C 105 12.25 7.56 33.35
C PHE C 105 13.65 8.19 33.31
N ASP C 106 14.40 8.07 34.41
CA ASP C 106 15.66 8.78 34.51
C ASP C 106 16.86 7.98 34.03
N MET C 107 16.69 6.69 33.72
CA MET C 107 17.79 5.88 33.21
C MET C 107 17.22 4.92 32.18
N TRP C 108 17.95 4.74 31.08
CA TRP C 108 17.51 3.93 29.96
C TRP C 108 18.66 3.03 29.53
N GLY C 109 18.34 1.80 29.13
CA GLY C 109 19.33 0.95 28.53
C GLY C 109 19.59 1.32 27.08
N GLN C 110 20.56 0.64 26.46
CA GLN C 110 20.81 0.90 25.04
C GLN C 110 19.79 0.22 24.14
N GLY C 111 18.97 -0.67 24.69
CA GLY C 111 17.93 -1.32 23.94
C GLY C 111 18.40 -2.62 23.30
N THR C 112 17.43 -3.49 23.03
CA THR C 112 17.69 -4.75 22.35
C THR C 112 16.64 -4.94 21.26
N THR C 113 17.06 -5.40 20.09
CA THR C 113 16.18 -5.43 18.91
C THR C 113 15.47 -6.76 18.77
N VAL C 114 14.15 -6.71 18.56
CA VAL C 114 13.32 -7.89 18.31
C VAL C 114 12.78 -7.75 16.89
N THR C 115 13.06 -8.75 16.06
CA THR C 115 12.62 -8.76 14.66
C THR C 115 11.74 -9.98 14.47
N VAL C 116 10.45 -9.76 14.18
CA VAL C 116 9.51 -10.86 13.98
C VAL C 116 9.44 -11.17 12.50
N SER C 117 10.00 -12.32 12.10
CA SER C 117 10.18 -12.62 10.69
C SER C 117 10.39 -14.11 10.49
N SER C 118 9.93 -14.60 9.34
CA SER C 118 10.17 -15.97 8.90
C SER C 118 11.45 -16.12 8.09
N ALA C 119 12.20 -15.03 7.86
CA ALA C 119 13.40 -15.08 7.03
C ALA C 119 14.52 -15.83 7.73
N SER C 120 15.40 -16.43 6.93
CA SER C 120 16.57 -17.14 7.43
C SER C 120 17.83 -16.31 7.25
N THR C 121 18.81 -16.52 8.12
CA THR C 121 20.09 -15.82 8.02
C THR C 121 20.70 -15.99 6.64
N LYS C 122 21.17 -14.87 6.07
CA LYS C 122 21.71 -14.88 4.71
C LYS C 122 22.72 -13.75 4.57
N GLY C 123 23.89 -14.07 4.03
CA GLY C 123 24.91 -13.06 3.80
C GLY C 123 24.65 -12.24 2.55
N PRO C 124 25.13 -11.00 2.53
CA PRO C 124 24.88 -10.12 1.39
C PRO C 124 25.74 -10.47 0.19
N SER C 125 25.25 -10.06 -0.97
CA SER C 125 26.07 -9.93 -2.16
C SER C 125 26.41 -8.46 -2.32
N VAL C 126 27.66 -8.17 -2.64
CA VAL C 126 28.15 -6.79 -2.73
C VAL C 126 28.43 -6.48 -4.19
N PHE C 127 27.73 -5.50 -4.76
CA PHE C 127 27.88 -5.10 -6.15
C PHE C 127 28.39 -3.67 -6.25
N PRO C 128 29.20 -3.35 -7.26
CA PRO C 128 29.71 -1.99 -7.37
C PRO C 128 28.66 -1.05 -7.94
N LEU C 129 28.72 0.20 -7.49
CA LEU C 129 28.06 1.34 -8.12
C LEU C 129 29.19 2.11 -8.80
N ALA C 130 29.44 1.77 -10.07
CA ALA C 130 30.66 2.21 -10.74
C ALA C 130 30.61 3.71 -11.03
N PRO C 131 31.73 4.42 -10.90
CA PRO C 131 31.74 5.83 -11.28
C PRO C 131 31.37 5.97 -12.75
N SER C 132 30.49 6.92 -13.04
CA SER C 132 29.96 7.18 -14.38
C SER C 132 31.04 7.23 -15.46
N GLY C 139 35.55 18.14 -11.97
CA GLY C 139 34.29 18.04 -11.26
C GLY C 139 34.28 16.91 -10.25
N THR C 140 33.08 16.47 -9.88
CA THR C 140 32.90 15.49 -8.81
C THR C 140 32.29 14.22 -9.39
N ALA C 141 32.80 13.07 -8.97
CA ALA C 141 32.27 11.78 -9.33
C ALA C 141 31.66 11.10 -8.10
N ALA C 142 30.66 10.25 -8.34
CA ALA C 142 30.08 9.44 -7.26
C ALA C 142 30.30 7.96 -7.56
N LEU C 143 30.61 7.20 -6.52
CA LEU C 143 30.73 5.75 -6.66
C LEU C 143 30.22 5.14 -5.36
N GLY C 144 30.08 3.82 -5.35
CA GLY C 144 29.56 3.19 -4.17
C GLY C 144 29.49 1.69 -4.29
N CYS C 145 28.86 1.09 -3.27
CA CYS C 145 28.60 -0.34 -3.25
C CYS C 145 27.15 -0.56 -2.89
N LEU C 146 26.53 -1.51 -3.57
CA LEU C 146 25.19 -1.97 -3.26
C LEU C 146 25.30 -3.29 -2.50
N VAL C 147 24.75 -3.33 -1.27
CA VAL C 147 24.85 -4.47 -0.37
C VAL C 147 23.48 -5.13 -0.33
N LYS C 148 23.33 -6.22 -1.10
CA LYS C 148 22.02 -6.73 -1.49
C LYS C 148 21.67 -8.04 -0.78
N ASP C 149 20.42 -8.17 -0.33
CA ASP C 149 19.78 -9.45 0.02
C ASP C 149 20.45 -10.13 1.22
N TYR C 150 20.38 -9.49 2.38
CA TYR C 150 20.95 -10.06 3.60
C TYR C 150 19.92 -10.05 4.73
N PHE C 151 20.15 -10.90 5.72
CA PHE C 151 19.27 -11.03 6.88
C PHE C 151 20.03 -11.69 8.02
N PRO C 152 19.82 -11.20 9.26
CA PRO C 152 19.06 -9.99 9.61
C PRO C 152 19.98 -8.76 9.56
N GLU C 153 19.48 -7.61 9.99
CA GLU C 153 20.35 -6.45 10.22
C GLU C 153 21.28 -6.79 11.37
N PRO C 154 22.44 -6.13 11.46
CA PRO C 154 22.91 -5.06 10.56
C PRO C 154 24.09 -5.47 9.69
N VAL C 155 24.45 -4.62 8.74
CA VAL C 155 25.78 -4.68 8.14
C VAL C 155 26.49 -3.38 8.50
N THR C 156 27.82 -3.43 8.48
CA THR C 156 28.66 -2.25 8.60
C THR C 156 29.39 -2.05 7.29
N VAL C 157 29.57 -0.79 6.92
CA VAL C 157 30.31 -0.43 5.72
C VAL C 157 31.37 0.60 6.10
N SER C 158 32.60 0.39 5.65
CA SER C 158 33.60 1.45 5.68
C SER C 158 34.24 1.49 4.30
N TRP C 159 35.08 2.50 4.09
CA TRP C 159 35.77 2.71 2.83
C TRP C 159 37.27 2.82 3.08
N ASN C 160 38.04 2.05 2.31
CA ASN C 160 39.50 2.08 2.37
C ASN C 160 40.02 1.84 3.79
N SER C 161 39.39 0.88 4.47
CA SER C 161 39.76 0.50 5.82
C SER C 161 39.61 1.66 6.80
N GLY C 162 38.64 2.54 6.51
CA GLY C 162 38.39 3.68 7.36
C GLY C 162 39.19 4.92 7.03
N ALA C 163 40.13 4.85 6.09
CA ALA C 163 40.88 6.03 5.70
C ALA C 163 40.05 7.00 4.87
N LEU C 164 38.91 6.57 4.32
CA LEU C 164 38.05 7.44 3.52
C LEU C 164 36.75 7.64 4.29
N THR C 165 36.51 8.88 4.75
CA THR C 165 35.29 9.17 5.50
C THR C 165 34.56 10.40 4.97
N SER C 166 35.28 11.39 4.44
CA SER C 166 34.64 12.59 3.94
C SER C 166 33.84 12.28 2.67
N GLY C 167 32.61 12.75 2.64
CA GLY C 167 31.75 12.52 1.49
C GLY C 167 31.10 11.15 1.44
N VAL C 168 31.26 10.32 2.47
CA VAL C 168 30.64 9.00 2.50
C VAL C 168 29.22 9.13 3.04
N HIS C 169 28.27 8.45 2.40
CA HIS C 169 26.90 8.33 2.91
C HIS C 169 26.52 6.87 2.85
N THR C 170 26.29 6.27 4.01
CA THR C 170 25.81 4.89 4.11
C THR C 170 24.36 4.95 4.53
N PHE C 171 23.47 4.49 3.66
CA PHE C 171 22.04 4.73 3.81
C PHE C 171 21.40 3.71 4.71
N PRO C 172 20.27 4.07 5.32
CA PRO C 172 19.45 3.05 6.02
C PRO C 172 19.06 1.95 5.06
N ALA C 173 19.04 0.72 5.57
CA ALA C 173 18.59 -0.40 4.74
C ALA C 173 17.09 -0.36 4.51
N VAL C 174 16.66 -0.91 3.37
CA VAL C 174 15.25 -1.13 3.11
C VAL C 174 14.97 -2.62 3.20
N LEU C 175 13.75 -2.94 3.64
CA LEU C 175 13.28 -4.32 3.75
C LEU C 175 12.49 -4.65 2.49
N GLN C 176 12.99 -5.61 1.72
CA GLN C 176 12.37 -5.94 0.45
C GLN C 176 11.21 -6.92 0.65
N SER C 177 10.41 -7.11 -0.41
CA SER C 177 9.27 -8.02 -0.30
C SER C 177 9.71 -9.47 -0.11
N SER C 178 10.96 -9.79 -0.42
CA SER C 178 11.55 -11.10 -0.16
C SER C 178 11.79 -11.37 1.32
N GLY C 179 11.64 -10.36 2.18
CA GLY C 179 12.03 -10.47 3.57
C GLY C 179 13.49 -10.21 3.84
N LEU C 180 14.29 -9.93 2.81
CA LEU C 180 15.71 -9.60 2.98
C LEU C 180 15.92 -8.10 2.86
N TYR C 181 17.00 -7.62 3.49
CA TYR C 181 17.38 -6.21 3.50
C TYR C 181 18.35 -5.90 2.37
N SER C 182 18.41 -4.62 2.01
CA SER C 182 19.38 -4.13 1.03
C SER C 182 19.76 -2.70 1.42
N LEU C 183 21.05 -2.38 1.28
CA LEU C 183 21.47 -1.01 1.55
C LEU C 183 22.55 -0.61 0.56
N SER C 184 22.75 0.70 0.45
CA SER C 184 23.79 1.23 -0.41
C SER C 184 24.67 2.17 0.41
N SER C 185 25.93 2.26 0.01
CA SER C 185 26.88 3.22 0.56
C SER C 185 27.60 3.88 -0.60
N VAL C 186 27.66 5.21 -0.58
CA VAL C 186 28.22 5.97 -1.69
C VAL C 186 29.26 6.94 -1.14
N VAL C 187 30.09 7.44 -2.03
CA VAL C 187 31.03 8.50 -1.67
C VAL C 187 31.22 9.37 -2.90
N THR C 188 31.29 10.69 -2.70
CA THR C 188 31.65 11.57 -3.80
C THR C 188 33.11 11.97 -3.65
N VAL C 189 33.82 12.01 -4.78
CA VAL C 189 35.26 12.22 -4.81
C VAL C 189 35.60 13.07 -6.03
N PRO C 190 36.77 13.70 -6.03
CA PRO C 190 37.20 14.42 -7.24
C PRO C 190 37.32 13.45 -8.40
N SER C 191 36.71 13.81 -9.53
CA SER C 191 36.75 12.92 -10.69
C SER C 191 38.18 12.62 -11.12
N SER C 192 39.09 13.58 -10.96
CA SER C 192 40.48 13.33 -11.34
C SER C 192 41.13 12.24 -10.48
N SER C 193 40.56 11.95 -9.31
CA SER C 193 41.10 10.94 -8.41
C SER C 193 40.79 9.52 -8.87
N LEU C 194 39.94 9.35 -9.88
CA LEU C 194 39.53 8.00 -10.26
C LEU C 194 40.71 7.19 -10.78
N GLY C 195 41.71 7.86 -11.35
CA GLY C 195 42.85 7.14 -11.88
C GLY C 195 43.96 6.88 -10.87
N THR C 196 43.95 7.61 -9.77
CA THR C 196 45.07 7.59 -8.85
C THR C 196 44.72 7.06 -7.46
N GLN C 197 43.45 6.89 -7.14
CA GLN C 197 43.04 6.44 -5.81
C GLN C 197 42.22 5.17 -5.94
N THR C 198 42.65 4.12 -5.27
CA THR C 198 41.86 2.90 -5.19
C THR C 198 40.74 3.07 -4.17
N TYR C 199 39.51 2.65 -4.55
CA TYR C 199 38.35 2.75 -3.68
C TYR C 199 37.83 1.35 -3.35
N ILE C 200 37.83 1.01 -2.07
CA ILE C 200 37.42 -0.31 -1.60
C ILE C 200 36.30 -0.09 -0.60
N CYS C 201 35.18 -0.76 -0.79
CA CYS C 201 34.16 -0.74 0.26
C CYS C 201 34.32 -2.01 1.10
N ASN C 202 34.43 -1.81 2.42
CA ASN C 202 34.62 -2.87 3.38
C ASN C 202 33.26 -3.19 4.01
N VAL C 203 32.68 -4.33 3.64
CA VAL C 203 31.37 -4.74 4.10
C VAL C 203 31.52 -5.90 5.07
N ASN C 204 30.85 -5.82 6.22
CA ASN C 204 30.82 -6.90 7.20
C ASN C 204 29.38 -7.20 7.61
N HIS C 205 29.03 -8.49 7.64
CA HIS C 205 27.74 -8.96 8.13
C HIS C 205 28.02 -10.05 9.16
N LYS C 206 28.04 -9.66 10.44
CA LYS C 206 28.43 -10.60 11.48
C LYS C 206 27.50 -11.80 11.61
N PRO C 207 26.17 -11.69 11.50
CA PRO C 207 25.33 -12.90 11.64
C PRO C 207 25.70 -14.02 10.71
N SER C 208 26.24 -13.72 9.52
CA SER C 208 26.64 -14.73 8.56
C SER C 208 28.15 -14.84 8.41
N ASN C 209 28.93 -14.11 9.21
CA ASN C 209 30.39 -14.15 9.12
C ASN C 209 30.87 -13.78 7.72
N THR C 210 30.21 -12.80 7.10
CA THR C 210 30.56 -12.35 5.76
C THR C 210 31.44 -11.10 5.86
N LYS C 211 32.58 -11.14 5.19
CA LYS C 211 33.46 -9.99 5.09
C LYS C 211 33.88 -9.86 3.64
N VAL C 212 33.57 -8.73 3.01
CA VAL C 212 33.86 -8.49 1.61
C VAL C 212 34.56 -7.15 1.49
N ASP C 213 35.65 -7.12 0.73
CA ASP C 213 36.34 -5.88 0.38
C ASP C 213 36.25 -5.73 -1.13
N LYS C 214 35.34 -4.87 -1.58
CA LYS C 214 34.98 -4.77 -3.00
C LYS C 214 35.66 -3.57 -3.62
N LYS C 215 36.48 -3.80 -4.63
CA LYS C 215 37.06 -2.69 -5.39
C LYS C 215 36.01 -2.12 -6.32
N VAL C 216 35.88 -0.79 -6.35
CA VAL C 216 34.89 -0.10 -7.17
C VAL C 216 35.66 0.76 -8.15
N GLU C 217 35.51 0.49 -9.43
CA GLU C 217 36.34 1.14 -10.44
C GLU C 217 35.52 1.43 -11.68
N PRO C 218 35.97 2.38 -12.51
CA PRO C 218 35.28 2.73 -13.77
C PRO C 218 35.05 1.50 -14.63
N ILE D 2 -5.01 8.62 28.74
CA ILE D 2 -4.81 10.02 28.38
C ILE D 2 -4.08 10.12 27.04
N VAL D 3 -4.55 11.00 26.17
CA VAL D 3 -3.96 11.24 24.86
C VAL D 3 -3.08 12.48 24.92
N MET D 4 -1.91 12.41 24.29
CA MET D 4 -0.95 13.51 24.25
C MET D 4 -0.79 13.97 22.81
N THR D 5 -1.08 15.25 22.55
CA THR D 5 -0.98 15.85 21.21
C THR D 5 0.21 16.80 21.19
N GLN D 6 1.28 16.39 20.52
CA GLN D 6 2.51 17.15 20.47
C GLN D 6 2.57 17.98 19.18
N SER D 7 3.17 19.17 19.27
CA SER D 7 3.21 20.11 18.14
C SER D 7 4.41 21.06 18.22
N PRO D 8 5.09 21.30 17.08
CA PRO D 8 4.84 20.69 15.76
C PRO D 8 5.43 19.30 15.72
N LEU D 9 5.20 18.55 14.63
CA LEU D 9 5.83 17.25 14.47
C LEU D 9 7.26 17.34 13.96
N SER D 10 7.59 18.44 13.29
CA SER D 10 8.91 18.64 12.73
C SER D 10 9.25 20.11 12.90
N LEU D 11 10.49 20.41 13.30
CA LEU D 11 10.87 21.77 13.65
C LEU D 11 12.27 22.07 13.19
N PRO D 12 12.42 22.68 12.00
CA PRO D 12 13.73 23.18 11.57
C PRO D 12 14.01 24.50 12.27
N VAL D 13 15.23 24.65 12.79
CA VAL D 13 15.61 25.81 13.59
C VAL D 13 16.97 26.29 13.11
N THR D 14 17.10 27.61 12.93
CA THR D 14 18.40 28.18 12.62
C THR D 14 19.30 28.14 13.85
N PRO D 15 20.56 27.74 13.72
CA PRO D 15 21.43 27.68 14.89
C PRO D 15 21.46 29.03 15.60
N GLY D 16 21.37 28.99 16.93
CA GLY D 16 21.31 30.19 17.74
C GLY D 16 19.93 30.79 17.90
N GLU D 17 18.94 30.29 17.19
CA GLU D 17 17.58 30.80 17.40
C GLU D 17 16.85 29.93 18.42
N PRO D 18 15.76 30.42 18.99
CA PRO D 18 15.03 29.60 19.97
C PRO D 18 14.08 28.62 19.29
N ALA D 19 13.72 27.59 20.05
CA ALA D 19 12.72 26.63 19.64
C ALA D 19 11.67 26.50 20.74
N SER D 20 10.43 26.23 20.35
CA SER D 20 9.34 25.95 21.28
C SER D 20 8.57 24.74 20.78
N ILE D 21 8.30 23.81 21.69
CA ILE D 21 7.56 22.59 21.37
C ILE D 21 6.41 22.48 22.35
N SER D 22 5.22 22.18 21.84
CA SER D 22 4.03 22.11 22.67
C SER D 22 3.58 20.67 22.86
N CYS D 23 2.95 20.42 24.00
CA CYS D 23 2.34 19.13 24.29
C CYS D 23 1.03 19.39 25.01
N ARG D 24 -0.06 18.81 24.52
CA ARG D 24 -1.37 18.99 25.13
C ARG D 24 -1.97 17.64 25.49
N SER D 25 -2.47 17.54 26.71
CA SER D 25 -3.08 16.32 27.20
C SER D 25 -4.60 16.41 27.09
N SER D 26 -5.24 15.25 26.93
CA SER D 26 -6.70 15.20 26.82
C SER D 26 -7.39 15.52 28.14
N GLN D 27 -6.68 15.45 29.26
CA GLN D 27 -7.21 15.88 30.54
C GLN D 27 -6.05 16.39 31.39
N SER D 28 -6.40 17.08 32.47
CA SER D 28 -5.37 17.73 33.28
C SER D 28 -4.38 16.73 33.84
N LEU D 29 -3.10 17.08 33.78
CA LEU D 29 -2.05 16.29 34.42
C LEU D 29 -1.70 16.83 35.82
N LEU D 30 -2.51 17.76 36.33
CA LEU D 30 -2.25 18.41 37.61
C LEU D 30 -2.76 17.52 38.73
N HIS D 31 -1.83 16.94 39.49
CA HIS D 31 -2.18 16.08 40.60
C HIS D 31 -2.65 16.91 41.81
N SER D 32 -3.42 16.25 42.67
CA SER D 32 -3.80 16.83 43.97
C SER D 32 -2.59 17.38 44.71
N ASN D 33 -1.44 16.71 44.61
CA ASN D 33 -0.27 17.20 45.36
C ASN D 33 0.36 18.45 44.76
N GLY D 34 -0.19 18.98 43.67
CA GLY D 34 0.34 20.20 43.07
C GLY D 34 1.34 20.01 41.95
N TYR D 35 1.75 18.78 41.65
CA TYR D 35 2.68 18.54 40.56
C TYR D 35 1.93 18.23 39.27
N ASN D 36 2.50 18.65 38.15
CA ASN D 36 2.03 18.23 36.83
C ASN D 36 2.86 17.03 36.38
N TYR D 37 2.21 15.90 36.13
CA TYR D 37 2.94 14.66 35.86
C TYR D 37 3.20 14.56 34.35
N LEU D 38 4.12 15.43 33.92
CA LEU D 38 4.50 15.62 32.53
C LEU D 38 6.02 15.66 32.48
N ASP D 39 6.61 14.90 31.57
CA ASP D 39 8.05 14.83 31.43
C ASP D 39 8.42 15.07 29.97
N TRP D 40 9.63 15.55 29.75
CA TRP D 40 10.15 15.74 28.39
C TRP D 40 11.41 14.91 28.20
N TYR D 41 11.54 14.29 27.02
CA TYR D 41 12.71 13.49 26.69
C TYR D 41 13.26 13.94 25.34
N LEU D 42 14.55 13.73 25.15
CA LEU D 42 15.24 13.90 23.88
C LEU D 42 15.87 12.58 23.48
N GLN D 43 15.62 12.14 22.25
CA GLN D 43 16.30 10.99 21.67
C GLN D 43 17.17 11.48 20.51
N LYS D 44 18.47 11.54 20.74
CA LYS D 44 19.40 11.91 19.68
C LYS D 44 19.54 10.75 18.69
N PRO D 45 19.89 11.04 17.44
CA PRO D 45 19.88 9.97 16.43
C PRO D 45 20.81 8.84 16.83
N GLY D 46 20.30 7.62 16.75
CA GLY D 46 21.10 6.46 17.11
C GLY D 46 21.35 6.28 18.59
N GLN D 47 20.73 7.08 19.45
CA GLN D 47 20.91 6.93 20.89
C GLN D 47 19.60 6.56 21.56
N SER D 48 19.72 6.22 22.85
CA SER D 48 18.57 5.98 23.70
C SER D 48 17.99 7.30 24.17
N PRO D 49 16.70 7.34 24.50
CA PRO D 49 16.11 8.58 25.04
C PRO D 49 16.80 8.98 26.33
N GLN D 50 16.73 10.28 26.64
CA GLN D 50 17.27 10.78 27.90
C GLN D 50 16.32 11.82 28.47
N LEU D 51 16.19 11.81 29.79
CA LEU D 51 15.27 12.71 30.46
C LEU D 51 15.83 14.13 30.43
N LEU D 52 14.99 15.09 30.05
CA LEU D 52 15.34 16.51 30.09
C LEU D 52 14.62 17.25 31.20
N ILE D 53 13.29 17.14 31.26
CA ILE D 53 12.44 17.88 32.18
C ILE D 53 11.55 16.89 32.92
N TYR D 54 11.45 17.01 34.24
CA TYR D 54 10.51 16.19 35.00
C TYR D 54 9.50 17.06 35.75
N LEU D 55 8.28 16.52 35.88
CA LEU D 55 7.17 17.18 36.59
C LEU D 55 6.96 18.60 36.07
N GLY D 56 6.84 18.70 34.75
CA GLY D 56 6.49 19.96 34.10
C GLY D 56 7.60 20.96 33.88
N SER D 57 8.37 21.28 34.91
CA SER D 57 9.27 22.44 34.85
C SER D 57 10.66 22.22 35.42
N ASN D 58 11.01 21.02 35.91
CA ASN D 58 12.29 20.80 36.58
C ASN D 58 13.31 20.18 35.63
N ARG D 59 14.46 20.83 35.50
CA ARG D 59 15.54 20.29 34.67
C ARG D 59 16.18 19.08 35.34
N ALA D 60 16.41 18.02 34.56
CA ALA D 60 17.13 16.87 35.10
C ALA D 60 18.63 17.17 35.22
N SER D 61 19.33 16.29 35.90
CA SER D 61 20.75 16.50 36.18
C SER D 61 21.56 16.56 34.90
N GLY D 62 22.52 17.48 34.85
CA GLY D 62 23.37 17.65 33.69
C GLY D 62 22.71 18.27 32.48
N VAL D 63 21.46 18.70 32.60
CA VAL D 63 20.73 19.35 31.51
C VAL D 63 21.03 20.84 31.52
N PRO D 64 21.50 21.40 30.40
CA PRO D 64 21.85 22.83 30.38
C PRO D 64 20.66 23.74 30.63
N ASP D 65 20.95 24.91 31.20
CA ASP D 65 19.92 25.88 31.54
C ASP D 65 19.15 26.40 30.34
N ARG D 66 19.58 26.12 29.12
CA ARG D 66 18.84 26.62 27.97
C ARG D 66 17.62 25.77 27.63
N PHE D 67 17.45 24.61 28.27
CA PHE D 67 16.19 23.88 28.22
C PHE D 67 15.33 24.31 29.41
N SER D 68 14.06 24.63 29.15
CA SER D 68 13.14 24.94 30.22
C SER D 68 11.77 24.42 29.83
N GLY D 69 11.01 23.99 30.84
CA GLY D 69 9.65 23.50 30.65
C GLY D 69 8.69 24.35 31.44
N SER D 70 7.50 24.57 30.88
CA SER D 70 6.48 25.35 31.55
C SER D 70 5.12 24.78 31.21
N GLY D 71 4.10 25.31 31.87
CA GLY D 71 2.73 24.92 31.63
C GLY D 71 2.11 24.25 32.84
N SER D 72 0.80 24.01 32.72
CA SER D 72 0.02 23.40 33.79
C SER D 72 -1.26 22.82 33.21
N GLY D 73 -1.75 21.78 33.86
CA GLY D 73 -3.04 21.24 33.47
C GLY D 73 -2.98 20.45 32.19
N THR D 74 -3.40 21.07 31.08
CA THR D 74 -3.46 20.38 29.80
C THR D 74 -2.48 20.90 28.77
N ASP D 75 -1.78 22.00 29.03
CA ASP D 75 -0.99 22.69 28.01
C ASP D 75 0.44 22.91 28.53
N PHE D 76 1.40 22.31 27.84
CA PHE D 76 2.79 22.36 28.26
C PHE D 76 3.69 22.75 27.10
N THR D 77 4.82 23.38 27.43
CA THR D 77 5.76 23.87 26.43
C THR D 77 7.19 23.59 26.88
N LEU D 78 7.98 23.02 25.99
CA LEU D 78 9.43 22.95 26.16
C LEU D 78 10.08 24.03 25.30
N LYS D 79 10.95 24.83 25.89
CA LYS D 79 11.65 25.87 25.17
C LYS D 79 13.15 25.60 25.19
N ILE D 80 13.80 25.84 24.06
CA ILE D 80 15.25 25.80 23.96
C ILE D 80 15.68 27.20 23.59
N SER D 81 16.40 27.88 24.49
CA SER D 81 16.61 29.32 24.33
C SER D 81 17.49 29.63 23.13
N ARG D 82 18.49 28.78 22.87
CA ARG D 82 19.40 28.93 21.73
C ARG D 82 19.77 27.54 21.26
N VAL D 83 19.39 27.18 20.03
CA VAL D 83 19.56 25.82 19.53
C VAL D 83 20.94 25.64 18.92
N GLU D 84 21.58 24.50 19.21
CA GLU D 84 22.81 24.09 18.56
C GLU D 84 22.67 22.69 18.00
N ALA D 85 23.65 22.30 17.17
CA ALA D 85 23.55 21.05 16.43
C ALA D 85 23.41 19.83 17.35
N GLU D 86 23.98 19.88 18.56
CA GLU D 86 23.84 18.75 19.48
C GLU D 86 22.43 18.58 20.02
N ASP D 87 21.53 19.53 19.78
CA ASP D 87 20.14 19.42 20.19
C ASP D 87 19.29 18.67 19.17
N VAL D 88 19.86 18.33 18.02
CA VAL D 88 19.09 17.64 16.99
C VAL D 88 18.66 16.26 17.51
N GLY D 89 17.43 15.90 17.21
CA GLY D 89 16.88 14.61 17.59
C GLY D 89 15.36 14.73 17.65
N VAL D 90 14.74 13.75 18.31
CA VAL D 90 13.30 13.73 18.48
C VAL D 90 13.00 14.00 19.94
N TYR D 91 12.08 14.95 20.19
CA TYR D 91 11.67 15.32 21.54
C TYR D 91 10.32 14.69 21.85
N TYR D 92 10.22 14.02 22.99
CA TYR D 92 8.99 13.36 23.41
C TYR D 92 8.51 13.91 24.74
N CYS D 93 7.22 14.24 24.80
CA CYS D 93 6.56 14.43 26.09
C CYS D 93 5.94 13.12 26.55
N MET D 94 5.64 13.05 27.84
CA MET D 94 5.16 11.82 28.44
C MET D 94 4.36 12.16 29.68
N GLN D 95 3.14 11.65 29.79
CA GLN D 95 2.38 11.81 31.03
C GLN D 95 2.56 10.57 31.88
N ALA D 96 2.64 10.76 33.20
CA ALA D 96 2.66 9.65 34.15
C ALA D 96 1.60 9.82 35.23
N LEU D 97 0.55 10.59 34.96
CA LEU D 97 -0.53 10.70 35.93
C LEU D 97 -1.28 9.38 36.06
N GLN D 98 -1.60 8.75 34.93
CA GLN D 98 -2.39 7.53 34.88
C GLN D 98 -1.76 6.60 33.85
N THR D 99 -1.13 5.52 34.33
CA THR D 99 -0.26 4.69 33.51
C THR D 99 0.74 5.61 32.80
N ILE D 100 1.02 5.34 31.52
CA ILE D 100 2.06 6.05 30.78
C ILE D 100 1.62 6.23 29.34
N THR D 101 1.74 7.45 28.82
CA THR D 101 1.45 7.76 27.41
C THR D 101 2.50 8.74 26.90
N PHE D 102 3.11 8.42 25.75
CA PHE D 102 4.07 9.32 25.09
C PHE D 102 3.36 10.14 24.01
N GLY D 103 3.86 11.35 23.79
CA GLY D 103 3.49 12.09 22.59
C GLY D 103 4.14 11.48 21.36
N GLN D 104 3.69 11.95 20.18
CA GLN D 104 4.16 11.37 18.93
C GLN D 104 5.61 11.74 18.63
N GLY D 105 6.14 12.77 19.28
CA GLY D 105 7.51 13.18 19.03
C GLY D 105 7.63 14.37 18.11
N THR D 106 8.58 15.26 18.39
CA THR D 106 8.91 16.39 17.53
C THR D 106 10.34 16.22 17.05
N ARG D 107 10.51 16.15 15.72
CA ARG D 107 11.83 16.02 15.10
C ARG D 107 12.41 17.41 14.89
N LEU D 108 13.47 17.73 15.61
CA LEU D 108 14.19 19.00 15.50
C LEU D 108 15.38 18.80 14.56
N GLU D 109 15.48 19.65 13.54
CA GLU D 109 16.60 19.63 12.60
C GLU D 109 17.18 21.03 12.50
N ILE D 110 18.36 21.13 11.91
CA ILE D 110 18.99 22.42 11.67
C ILE D 110 18.46 22.99 10.37
N LYS D 111 18.02 24.25 10.39
CA LYS D 111 17.54 24.92 9.19
C LYS D 111 18.71 25.60 8.50
N ARG D 112 18.79 25.46 7.17
CA ARG D 112 19.86 26.07 6.39
C ARG D 112 19.28 26.55 5.08
N THR D 113 20.13 27.10 4.22
CA THR D 113 19.68 27.54 2.90
C THR D 113 19.29 26.35 2.02
N VAL D 114 18.40 26.61 1.06
CA VAL D 114 18.01 25.60 0.08
C VAL D 114 19.23 25.16 -0.72
N ALA D 115 19.39 23.84 -0.87
CA ALA D 115 20.51 23.28 -1.62
C ALA D 115 19.98 22.18 -2.52
N ALA D 116 20.19 22.33 -3.83
CA ALA D 116 19.66 21.36 -4.76
C ALA D 116 20.48 20.06 -4.71
N PRO D 117 19.85 18.93 -4.95
CA PRO D 117 20.63 17.68 -5.00
C PRO D 117 21.53 17.63 -6.21
N SER D 118 22.67 16.98 -6.05
CA SER D 118 23.45 16.48 -7.17
C SER D 118 23.00 15.06 -7.45
N VAL D 119 22.73 14.75 -8.71
CA VAL D 119 22.06 13.52 -9.09
C VAL D 119 23.03 12.61 -9.84
N PHE D 120 23.01 11.32 -9.50
CA PHE D 120 23.83 10.31 -10.15
C PHE D 120 23.01 9.03 -10.35
N ILE D 121 23.13 8.41 -11.53
CA ILE D 121 22.45 7.14 -11.81
C ILE D 121 23.49 6.06 -12.06
N PHE D 122 23.20 4.85 -11.59
CA PHE D 122 24.15 3.73 -11.70
C PHE D 122 23.43 2.54 -12.33
N PRO D 123 23.91 2.01 -13.45
CA PRO D 123 23.31 0.80 -14.01
C PRO D 123 23.57 -0.39 -13.11
N PRO D 124 22.83 -1.49 -13.28
CA PRO D 124 23.19 -2.73 -12.58
C PRO D 124 24.53 -3.25 -13.06
N SER D 125 25.26 -3.88 -12.15
CA SER D 125 26.50 -4.52 -12.54
C SER D 125 26.24 -5.76 -13.38
N ASP D 126 27.23 -6.11 -14.21
CA ASP D 126 27.14 -7.37 -14.97
C ASP D 126 27.06 -8.56 -14.02
N GLU D 127 27.77 -8.48 -12.89
CA GLU D 127 27.80 -9.58 -11.94
C GLU D 127 26.40 -9.85 -11.38
N GLN D 128 25.65 -8.79 -11.06
CA GLN D 128 24.31 -8.98 -10.54
C GLN D 128 23.37 -9.49 -11.62
N LEU D 129 23.47 -8.93 -12.82
CA LEU D 129 22.54 -9.27 -13.89
C LEU D 129 22.58 -10.76 -14.20
N LYS D 130 23.78 -11.35 -14.17
CA LYS D 130 23.98 -12.78 -14.35
C LYS D 130 22.96 -13.62 -13.59
N SER D 131 22.67 -13.23 -12.35
CA SER D 131 21.91 -14.09 -11.44
C SER D 131 20.41 -13.81 -11.44
N GLY D 132 19.90 -12.98 -12.36
CA GLY D 132 18.47 -12.93 -12.65
C GLY D 132 17.73 -11.66 -12.26
N THR D 133 18.38 -10.74 -11.55
CA THR D 133 17.74 -9.52 -11.08
C THR D 133 18.64 -8.32 -11.38
N ALA D 134 18.00 -7.18 -11.65
CA ALA D 134 18.67 -5.92 -11.99
C ALA D 134 18.27 -4.86 -10.98
N SER D 135 19.26 -4.24 -10.34
CA SER D 135 19.05 -3.10 -9.47
C SER D 135 19.66 -1.87 -10.11
N VAL D 136 18.82 -0.86 -10.37
CA VAL D 136 19.26 0.44 -10.88
C VAL D 136 19.17 1.42 -9.72
N VAL D 137 20.24 2.19 -9.50
CA VAL D 137 20.32 3.04 -8.31
C VAL D 137 20.46 4.50 -8.73
N CYS D 138 19.72 5.37 -8.05
CA CYS D 138 19.80 6.83 -8.23
C CYS D 138 20.15 7.46 -6.90
N LEU D 139 21.18 8.30 -6.91
CA LEU D 139 21.66 8.99 -5.72
C LEU D 139 21.30 10.47 -5.85
N LEU D 140 20.70 11.04 -4.81
CA LEU D 140 20.47 12.47 -4.68
C LEU D 140 21.33 12.92 -3.51
N ASN D 141 22.35 13.72 -3.78
CA ASN D 141 23.40 13.98 -2.81
C ASN D 141 23.32 15.41 -2.28
N ASN D 142 23.36 15.53 -0.95
CA ASN D 142 23.60 16.78 -0.21
C ASN D 142 22.60 17.88 -0.57
N PHE D 143 21.32 17.64 -0.24
CA PHE D 143 20.29 18.61 -0.53
C PHE D 143 19.56 19.05 0.74
N TYR D 144 18.84 20.16 0.61
CA TYR D 144 18.03 20.69 1.69
C TYR D 144 16.98 21.61 1.07
N PRO D 145 15.71 21.48 1.52
CA PRO D 145 15.17 20.66 2.61
C PRO D 145 15.00 19.20 2.22
N ARG D 146 14.50 18.40 3.15
CA ARG D 146 14.51 16.95 3.02
C ARG D 146 13.58 16.44 1.92
N GLU D 147 12.56 17.20 1.54
CA GLU D 147 11.56 16.68 0.61
C GLU D 147 12.10 16.74 -0.81
N ALA D 148 12.15 15.59 -1.47
CA ALA D 148 12.54 15.52 -2.87
C ALA D 148 11.78 14.34 -3.48
N LYS D 149 11.61 14.37 -4.80
CA LYS D 149 10.92 13.29 -5.47
C LYS D 149 11.83 12.69 -6.52
N VAL D 150 11.96 11.35 -6.49
CA VAL D 150 12.56 10.59 -7.57
C VAL D 150 11.44 9.95 -8.38
N GLN D 151 11.47 10.17 -9.69
CA GLN D 151 10.55 9.54 -10.63
C GLN D 151 11.37 8.68 -11.58
N TRP D 152 11.21 7.36 -11.48
CA TRP D 152 11.90 6.45 -12.39
C TRP D 152 11.15 6.35 -13.69
N LYS D 153 11.88 6.35 -14.80
CA LYS D 153 11.28 6.21 -16.11
C LYS D 153 12.06 5.15 -16.89
N VAL D 154 11.32 4.31 -17.62
CA VAL D 154 11.91 3.24 -18.41
C VAL D 154 11.34 3.40 -19.82
N ASP D 155 12.20 3.73 -20.78
CA ASP D 155 11.77 4.15 -22.12
C ASP D 155 10.66 5.20 -22.05
N ASN D 156 10.83 6.15 -21.13
CA ASN D 156 9.94 7.27 -20.84
C ASN D 156 8.61 6.84 -20.22
N ALA D 157 8.44 5.57 -19.88
CA ALA D 157 7.26 5.12 -19.14
C ALA D 157 7.46 5.36 -17.64
N LEU D 158 6.55 6.10 -17.02
CA LEU D 158 6.68 6.41 -15.60
C LEU D 158 6.47 5.16 -14.77
N GLN D 159 7.43 4.85 -13.90
CA GLN D 159 7.36 3.65 -13.09
C GLN D 159 6.66 3.93 -11.76
N SER D 160 6.04 2.89 -11.21
CA SER D 160 5.53 2.99 -9.86
C SER D 160 5.40 1.58 -9.29
N GLY D 161 5.62 1.47 -7.97
CA GLY D 161 5.49 0.21 -7.28
C GLY D 161 6.71 -0.69 -7.29
N ASN D 162 7.74 -0.35 -8.05
CA ASN D 162 8.91 -1.21 -8.17
C ASN D 162 10.19 -0.51 -7.73
N SER D 163 10.08 0.44 -6.79
CA SER D 163 11.25 1.11 -6.26
C SER D 163 11.14 1.26 -4.74
N GLN D 164 12.29 1.36 -4.08
CA GLN D 164 12.36 1.69 -2.67
C GLN D 164 13.47 2.72 -2.47
N GLU D 165 13.33 3.56 -1.44
CA GLU D 165 14.31 4.59 -1.19
C GLU D 165 14.54 4.73 0.31
N SER D 166 15.68 5.33 0.67
CA SER D 166 15.88 5.78 2.05
C SER D 166 16.75 7.03 2.05
N VAL D 167 16.80 7.69 3.21
CA VAL D 167 17.37 9.03 3.37
C VAL D 167 18.29 9.01 4.59
N THR D 168 19.43 9.66 4.47
CA THR D 168 20.33 9.73 5.61
C THR D 168 19.76 10.64 6.70
N GLU D 169 20.31 10.51 7.91
CA GLU D 169 20.13 11.53 8.92
C GLU D 169 20.77 12.83 8.44
N GLN D 170 20.37 13.94 9.03
CA GLN D 170 20.93 15.22 8.62
C GLN D 170 22.43 15.25 8.90
N ASP D 171 23.20 15.77 7.95
CA ASP D 171 24.65 15.83 8.11
C ASP D 171 25.01 16.89 9.13
N SER D 172 25.78 16.52 10.15
CA SER D 172 26.03 17.48 11.22
C SER D 172 26.93 18.64 10.76
N LYS D 173 27.72 18.43 9.72
CA LYS D 173 28.61 19.48 9.25
C LYS D 173 27.87 20.49 8.37
N ASP D 174 27.25 20.02 7.28
CA ASP D 174 26.63 20.93 6.32
C ASP D 174 25.11 20.94 6.34
N SER D 175 24.49 20.16 7.23
CA SER D 175 23.04 20.17 7.45
C SER D 175 22.25 19.71 6.25
N THR D 176 22.87 18.98 5.32
CA THR D 176 22.12 18.44 4.19
C THR D 176 21.65 17.02 4.45
N TYR D 177 20.86 16.52 3.49
CA TYR D 177 20.38 15.15 3.45
C TYR D 177 20.80 14.55 2.11
N SER D 178 20.87 13.21 2.09
CA SER D 178 21.10 12.48 0.85
C SER D 178 20.11 11.33 0.76
N LEU D 179 19.78 10.96 -0.47
CA LEU D 179 18.73 9.99 -0.72
C LEU D 179 19.23 8.98 -1.75
N SER D 180 18.89 7.71 -1.52
CA SER D 180 19.22 6.63 -2.41
C SER D 180 17.94 5.90 -2.77
N SER D 181 17.69 5.73 -4.08
CA SER D 181 16.53 5.01 -4.56
C SER D 181 16.96 3.85 -5.44
N THR D 182 16.29 2.70 -5.32
CA THR D 182 16.63 1.53 -6.11
C THR D 182 15.41 1.06 -6.89
N LEU D 183 15.53 1.01 -8.21
CA LEU D 183 14.54 0.39 -9.07
C LEU D 183 14.92 -1.07 -9.30
N THR D 184 14.00 -2.00 -9.02
CA THR D 184 14.33 -3.41 -9.12
C THR D 184 13.49 -4.06 -10.22
N LEU D 185 14.15 -4.78 -11.11
CA LEU D 185 13.53 -5.43 -12.26
C LEU D 185 14.09 -6.84 -12.40
N SER D 186 13.29 -7.74 -12.93
CA SER D 186 13.85 -9.01 -13.36
C SER D 186 14.78 -8.76 -14.55
N LYS D 187 15.72 -9.70 -14.74
CA LYS D 187 16.63 -9.61 -15.89
C LYS D 187 15.85 -9.59 -17.20
N ALA D 188 14.84 -10.46 -17.33
CA ALA D 188 14.03 -10.49 -18.55
C ALA D 188 13.35 -9.15 -18.81
N ASP D 189 12.75 -8.55 -17.76
CA ASP D 189 12.15 -7.24 -17.92
C ASP D 189 13.21 -6.20 -18.27
N TYR D 190 14.37 -6.26 -17.59
CA TYR D 190 15.40 -5.25 -17.82
C TYR D 190 15.84 -5.23 -19.29
N GLU D 191 15.99 -6.40 -19.90
CA GLU D 191 16.49 -6.51 -21.26
C GLU D 191 15.42 -6.19 -22.31
N LYS D 192 14.17 -5.91 -21.91
CA LYS D 192 13.14 -5.51 -22.86
C LYS D 192 13.10 -4.01 -23.12
N HIS D 193 13.91 -3.21 -22.42
CA HIS D 193 13.84 -1.76 -22.55
C HIS D 193 15.24 -1.17 -22.63
N LYS D 194 15.32 0.05 -23.15
CA LYS D 194 16.60 0.65 -23.52
C LYS D 194 17.05 1.78 -22.59
N VAL D 195 16.20 2.77 -22.39
CA VAL D 195 16.57 3.99 -21.66
C VAL D 195 16.07 3.91 -20.23
N TYR D 196 16.98 3.97 -19.27
CA TYR D 196 16.68 3.97 -17.85
C TYR D 196 17.04 5.34 -17.28
N ALA D 197 16.10 5.99 -16.59
CA ALA D 197 16.30 7.38 -16.20
C ALA D 197 15.67 7.62 -14.83
N CYS D 198 16.32 8.46 -14.01
CA CYS D 198 15.67 8.96 -12.82
C CYS D 198 15.52 10.48 -12.95
N GLU D 199 14.29 10.95 -12.76
CA GLU D 199 13.96 12.36 -12.87
C GLU D 199 13.69 12.90 -11.47
N VAL D 200 14.41 13.95 -11.09
CA VAL D 200 14.45 14.46 -9.72
C VAL D 200 13.85 15.86 -9.70
N THR D 201 12.96 16.09 -8.75
CA THR D 201 12.39 17.41 -8.49
C THR D 201 12.62 17.78 -7.03
N HIS D 202 12.84 19.07 -6.79
CA HIS D 202 13.23 19.54 -5.47
C HIS D 202 13.11 21.06 -5.46
N GLN D 203 12.90 21.61 -4.27
CA GLN D 203 12.72 23.07 -4.15
C GLN D 203 13.88 23.86 -4.73
N GLY D 204 15.10 23.32 -4.71
CA GLY D 204 16.23 24.03 -5.26
C GLY D 204 16.47 23.83 -6.74
N LEU D 205 15.57 23.14 -7.45
CA LEU D 205 15.76 22.83 -8.87
C LEU D 205 14.68 23.56 -9.66
N SER D 206 15.07 24.59 -10.40
CA SER D 206 14.06 25.34 -11.15
C SER D 206 13.53 24.57 -12.35
N SER D 207 14.20 23.49 -12.74
CA SER D 207 13.71 22.54 -13.72
C SER D 207 14.11 21.15 -13.24
N PRO D 208 13.31 20.13 -13.54
CA PRO D 208 13.69 18.76 -13.14
C PRO D 208 15.04 18.38 -13.71
N VAL D 209 15.77 17.57 -12.94
CA VAL D 209 17.07 17.03 -13.36
C VAL D 209 16.88 15.55 -13.69
N THR D 210 17.33 15.15 -14.87
CA THR D 210 17.21 13.76 -15.30
C THR D 210 18.59 13.21 -15.61
N LYS D 211 18.93 12.09 -15.00
CA LYS D 211 20.13 11.34 -15.35
C LYS D 211 19.68 10.01 -15.93
N SER D 212 20.34 9.59 -17.00
CA SER D 212 19.87 8.42 -17.72
C SER D 212 21.04 7.70 -18.36
N PHE D 213 20.81 6.44 -18.71
CA PHE D 213 21.77 5.67 -19.49
C PHE D 213 21.01 4.78 -20.48
N ASN D 214 21.73 4.33 -21.50
CA ASN D 214 21.21 3.40 -22.47
C ASN D 214 21.74 2.01 -22.13
N ARG D 215 20.84 1.08 -21.82
CA ARG D 215 21.26 -0.28 -21.53
C ARG D 215 22.12 -0.81 -22.67
N GLY D 216 23.28 -1.37 -22.33
CA GLY D 216 24.19 -1.91 -23.31
C GLY D 216 25.20 -0.93 -23.85
N GLU D 217 25.03 0.36 -23.62
CA GLU D 217 26.01 1.31 -24.15
C GLU D 217 27.24 1.35 -23.25
#